data_1M8I
#
_entry.id   1M8I
#
_cell.length_a   213.962
_cell.length_b   213.962
_cell.length_c   114.524
_cell.angle_alpha   90.00
_cell.angle_beta   90.00
_cell.angle_gamma   120.00
#
_symmetry.space_group_name_H-M   'P 61 2 2'
#
loop_
_entity.id
_entity.type
_entity.pdbx_description
1 polymer 'inducible Nitric oxide synthase'
2 non-polymer 'PROTOPORPHYRIN IX CONTAINING FE'
3 non-polymer 5,6,7,8-TETRAHYDROBIOPTERIN
4 non-polymer 5-NITROINDAZOLE
5 water water
#
_entity_poly.entity_id   1
_entity_poly.type   'polypeptide(L)'
_entity_poly.pdbx_seq_one_letter_code
;SLDKLHVTSTRPQYVRIKNWGSGEILHDTLHHKATSDFTCKSKSCLGSIMNPKSLTRGPRDKPTPLEELLPHAIEFINQY
YGSFKEAKIEEHLARLEAVTKEIETTGTYQLTLDELIFATKMAWRNAPRCIGRIQWSNLQVFDARNCSTAQEMFQHICRH
ILYATNNGNIRSAITVFPQRSDGKHDFRLWNSQLIRYAGYQMPDGTIRGDAATLEFTQLCIDLGWKPRYGRFDVLPLVLQ
ADGQDPEVFEIPPDLVLEVTMEHPKYEWFQELGLKWYALPAVANMLLEVGGLEFPACPFNGWYMGTEIGVRDFCDTQRYN
ILEEVGRRMGLETHTLASLWKDRAVTEINVAVLHSFQKQNVTIMDHHTASESFMKHMQNEYRARGGCPADWIWLVPPVSG
SITPVFHQEMLNYVLSPFYYYQIEPWKTHIWQNE
;
_entity_poly.pdbx_strand_id   A,B
#
# COMPACT_ATOMS: atom_id res chain seq x y z
N GLN A 13 -50.30 14.34 -23.40
CA GLN A 13 -50.63 15.23 -22.30
C GLN A 13 -49.99 14.72 -21.00
N TYR A 14 -50.35 13.50 -20.63
CA TYR A 14 -49.84 12.86 -19.42
C TYR A 14 -49.49 11.39 -19.69
N VAL A 15 -49.25 10.62 -18.62
CA VAL A 15 -48.93 9.21 -18.74
C VAL A 15 -49.69 8.43 -17.68
N ARG A 16 -50.53 7.48 -18.11
CA ARG A 16 -51.31 6.66 -17.17
C ARG A 16 -50.39 5.69 -16.44
N ILE A 17 -50.59 5.60 -15.13
CA ILE A 17 -49.82 4.74 -14.25
C ILE A 17 -50.85 3.92 -13.47
N LYS A 18 -50.78 2.59 -13.58
CA LYS A 18 -51.74 1.73 -12.88
C LYS A 18 -51.13 0.99 -11.70
N ASN A 19 -51.94 0.81 -10.66
CA ASN A 19 -51.53 0.09 -9.46
C ASN A 19 -52.33 -1.22 -9.43
N TRP A 20 -51.77 -2.26 -10.02
CA TRP A 20 -52.39 -3.57 -10.12
C TRP A 20 -52.96 -4.18 -8.84
N GLY A 21 -52.68 -3.56 -7.69
CA GLY A 21 -53.18 -4.08 -6.44
C GLY A 21 -54.52 -3.49 -6.05
N SER A 22 -54.61 -2.17 -6.13
CA SER A 22 -55.83 -1.44 -5.78
C SER A 22 -56.63 -1.14 -7.03
N GLY A 23 -55.99 -1.30 -8.18
CA GLY A 23 -56.62 -1.03 -9.46
C GLY A 23 -56.64 0.45 -9.81
N GLU A 24 -56.18 1.28 -8.88
CA GLU A 24 -56.16 2.73 -9.08
C GLU A 24 -55.28 3.23 -10.23
N ILE A 25 -55.71 4.32 -10.86
CA ILE A 25 -54.98 4.92 -11.96
C ILE A 25 -54.48 6.31 -11.55
N LEU A 26 -53.36 6.72 -12.14
CA LEU A 26 -52.76 8.02 -11.87
C LEU A 26 -52.24 8.63 -13.18
N HIS A 27 -52.17 9.97 -13.22
CA HIS A 27 -51.70 10.68 -14.41
C HIS A 27 -50.42 11.44 -14.13
N ASP A 28 -49.32 10.99 -14.71
CA ASP A 28 -48.04 11.65 -14.49
C ASP A 28 -47.83 12.80 -15.47
N THR A 29 -47.69 14.01 -14.92
CA THR A 29 -47.44 15.20 -15.73
C THR A 29 -46.08 15.79 -15.40
N LEU A 30 -45.50 15.35 -14.28
CA LEU A 30 -44.21 15.82 -13.78
C LEU A 30 -42.99 15.37 -14.61
N HIS A 31 -43.13 14.28 -15.35
CA HIS A 31 -42.02 13.76 -16.14
C HIS A 31 -41.56 14.69 -17.26
N HIS A 32 -42.36 15.70 -17.58
CA HIS A 32 -42.01 16.65 -18.63
C HIS A 32 -40.87 17.57 -18.21
N LYS A 33 -40.67 17.70 -16.90
CA LYS A 33 -39.62 18.54 -16.33
C LYS A 33 -38.28 17.83 -16.15
N ALA A 34 -38.13 16.66 -16.78
CA ALA A 34 -36.91 15.88 -16.69
C ALA A 34 -35.80 16.43 -17.58
N THR A 35 -34.67 15.72 -17.60
CA THR A 35 -33.51 16.12 -18.39
C THR A 35 -33.39 15.24 -19.65
N SER A 36 -32.53 14.22 -19.58
CA SER A 36 -32.31 13.30 -20.70
C SER A 36 -32.08 11.86 -20.24
N CYS A 45 -31.67 -0.90 -24.14
CA CYS A 45 -32.37 -0.38 -22.97
C CYS A 45 -31.66 -0.72 -21.65
N LEU A 46 -30.93 0.26 -21.12
CA LEU A 46 -30.18 0.13 -19.85
C LEU A 46 -31.11 -0.18 -18.67
N GLY A 47 -31.41 -1.47 -18.51
CA GLY A 47 -32.31 -1.92 -17.45
C GLY A 47 -31.85 -1.84 -16.01
N SER A 48 -31.27 -2.92 -15.51
CA SER A 48 -30.82 -2.98 -14.13
C SER A 48 -29.38 -2.55 -13.87
N ILE A 49 -28.90 -1.53 -14.57
CA ILE A 49 -27.55 -1.04 -14.38
C ILE A 49 -27.48 -0.23 -13.09
N MET A 50 -26.54 -0.59 -12.23
CA MET A 50 -26.39 0.09 -10.95
C MET A 50 -25.93 1.54 -11.05
N ASN A 51 -24.80 1.76 -11.73
CA ASN A 51 -24.26 3.11 -11.90
C ASN A 51 -24.32 3.58 -13.36
N PRO A 52 -25.53 3.91 -13.85
CA PRO A 52 -25.65 4.38 -15.23
C PRO A 52 -25.13 5.82 -15.32
N LYS A 53 -24.48 6.14 -16.43
CA LYS A 53 -23.92 7.47 -16.66
C LYS A 53 -24.96 8.58 -16.47
N SER A 54 -26.21 8.27 -16.80
CA SER A 54 -27.31 9.23 -16.65
C SER A 54 -27.53 9.67 -15.19
N LEU A 55 -27.08 8.84 -14.25
CA LEU A 55 -27.20 9.12 -12.81
C LEU A 55 -25.90 9.63 -12.18
N THR A 56 -24.91 9.93 -13.01
CA THR A 56 -23.61 10.40 -12.54
C THR A 56 -23.22 11.79 -13.05
N ARG A 57 -22.70 12.61 -12.14
CA ARG A 57 -22.24 13.96 -12.48
C ARG A 57 -20.76 13.96 -12.11
N GLY A 58 -19.92 13.72 -13.12
CA GLY A 58 -18.49 13.63 -12.92
C GLY A 58 -17.71 14.92 -12.71
N PRO A 59 -16.37 14.82 -12.79
CA PRO A 59 -15.46 15.95 -12.62
C PRO A 59 -15.44 16.92 -13.80
N ARG A 60 -14.86 18.09 -13.57
CA ARG A 60 -14.72 19.14 -14.58
C ARG A 60 -13.55 20.02 -14.09
N ASP A 61 -12.71 20.49 -15.01
CA ASP A 61 -11.57 21.35 -14.66
C ASP A 61 -11.71 22.79 -15.15
N LYS A 62 -12.95 23.20 -15.40
CA LYS A 62 -13.26 24.56 -15.85
C LYS A 62 -14.61 24.91 -15.25
N PRO A 63 -14.81 26.18 -14.89
CA PRO A 63 -16.09 26.62 -14.31
C PRO A 63 -17.28 26.32 -15.21
N THR A 64 -18.47 26.40 -14.64
CA THR A 64 -19.70 26.15 -15.39
C THR A 64 -19.94 27.33 -16.33
N PRO A 65 -19.86 27.10 -17.66
CA PRO A 65 -20.07 28.13 -18.67
C PRO A 65 -21.29 28.99 -18.38
N LEU A 66 -21.09 30.31 -18.31
CA LEU A 66 -22.15 31.24 -17.98
C LEU A 66 -23.47 31.07 -18.71
N GLU A 67 -23.41 30.63 -19.96
CA GLU A 67 -24.62 30.45 -20.75
C GLU A 67 -25.46 29.29 -20.21
N GLU A 68 -24.79 28.34 -19.56
CA GLU A 68 -25.48 27.19 -18.97
C GLU A 68 -25.97 27.55 -17.57
N LEU A 69 -25.06 28.06 -16.74
CA LEU A 69 -25.38 28.44 -15.38
C LEU A 69 -26.55 29.42 -15.21
N LEU A 70 -26.51 30.54 -15.92
CA LEU A 70 -27.56 31.56 -15.81
C LEU A 70 -28.99 31.06 -15.98
N PRO A 71 -29.27 30.21 -16.99
CA PRO A 71 -30.62 29.69 -17.20
C PRO A 71 -31.05 28.73 -16.07
N HIS A 72 -30.18 27.81 -15.71
CA HIS A 72 -30.45 26.84 -14.63
C HIS A 72 -30.70 27.58 -13.32
N ALA A 73 -29.91 28.63 -13.08
CA ALA A 73 -30.03 29.43 -11.90
C ALA A 73 -31.41 30.09 -11.80
N ILE A 74 -31.87 30.66 -12.90
CA ILE A 74 -33.16 31.34 -12.94
C ILE A 74 -34.30 30.36 -12.67
N GLU A 75 -34.24 29.20 -13.33
CA GLU A 75 -35.25 28.16 -13.17
C GLU A 75 -35.40 27.81 -11.71
N PHE A 76 -34.27 27.64 -11.04
CA PHE A 76 -34.26 27.31 -9.62
C PHE A 76 -34.86 28.43 -8.78
N ILE A 77 -34.50 29.68 -9.09
CA ILE A 77 -35.03 30.80 -8.34
C ILE A 77 -36.55 30.92 -8.56
N ASN A 78 -37.03 30.46 -9.71
CA ASN A 78 -38.45 30.50 -10.00
C ASN A 78 -39.14 29.37 -9.26
N GLN A 79 -38.47 28.23 -9.17
CA GLN A 79 -39.01 27.07 -8.46
C GLN A 79 -39.17 27.45 -7.00
N TYR A 80 -38.08 27.95 -6.40
CA TYR A 80 -38.06 28.35 -5.01
C TYR A 80 -39.17 29.33 -4.68
N TYR A 81 -39.14 30.50 -5.32
CA TYR A 81 -40.15 31.53 -5.07
C TYR A 81 -41.54 31.11 -5.52
N GLY A 82 -41.61 30.09 -6.36
CA GLY A 82 -42.89 29.62 -6.85
C GLY A 82 -43.55 28.65 -5.88
N SER A 83 -42.88 28.33 -4.78
CA SER A 83 -43.44 27.41 -3.81
C SER A 83 -43.72 28.07 -2.48
N PHE A 84 -44.97 28.44 -2.26
CA PHE A 84 -45.42 29.05 -1.02
C PHE A 84 -46.89 29.44 -1.16
N LYS A 85 -47.65 29.33 -0.07
CA LYS A 85 -49.07 29.70 -0.09
C LYS A 85 -49.19 31.17 -0.45
N GLU A 86 -48.50 32.02 0.31
CA GLU A 86 -48.50 33.46 0.06
C GLU A 86 -47.21 33.83 -0.66
N ALA A 87 -47.28 33.94 -1.99
CA ALA A 87 -46.12 34.28 -2.80
C ALA A 87 -45.78 35.76 -2.81
N LYS A 88 -44.54 36.08 -2.47
CA LYS A 88 -44.06 37.47 -2.46
C LYS A 88 -43.31 37.76 -3.76
N ILE A 89 -43.99 38.44 -4.68
CA ILE A 89 -43.46 38.78 -6.00
C ILE A 89 -42.22 39.67 -5.99
N GLU A 90 -42.24 40.72 -5.17
CA GLU A 90 -41.12 41.66 -5.10
C GLU A 90 -39.81 40.95 -4.82
N GLU A 91 -39.77 40.22 -3.71
CA GLU A 91 -38.58 39.49 -3.33
C GLU A 91 -38.11 38.58 -4.46
N HIS A 92 -39.08 37.97 -5.15
CA HIS A 92 -38.78 37.08 -6.27
C HIS A 92 -38.01 37.83 -7.37
N LEU A 93 -38.61 38.89 -7.90
CA LEU A 93 -37.99 39.70 -8.95
C LEU A 93 -36.62 40.19 -8.50
N ALA A 94 -36.56 40.67 -7.26
CA ALA A 94 -35.32 41.17 -6.69
C ALA A 94 -34.24 40.09 -6.65
N ARG A 95 -34.61 38.90 -6.19
CA ARG A 95 -33.65 37.80 -6.12
C ARG A 95 -33.17 37.46 -7.52
N LEU A 96 -34.09 37.39 -8.47
CA LEU A 96 -33.74 37.10 -9.85
C LEU A 96 -32.64 38.06 -10.35
N GLU A 97 -32.84 39.35 -10.10
CA GLU A 97 -31.92 40.41 -10.50
C GLU A 97 -30.56 40.33 -9.80
N ALA A 98 -30.61 40.19 -8.48
CA ALA A 98 -29.38 40.11 -7.70
C ALA A 98 -28.55 38.89 -8.05
N VAL A 99 -29.24 37.79 -8.40
CA VAL A 99 -28.58 36.54 -8.77
C VAL A 99 -27.87 36.70 -10.10
N THR A 100 -28.59 37.24 -11.10
CA THR A 100 -28.00 37.46 -12.41
C THR A 100 -26.80 38.38 -12.27
N LYS A 101 -26.96 39.43 -11.48
CA LYS A 101 -25.89 40.40 -11.26
C LYS A 101 -24.68 39.70 -10.65
N GLU A 102 -24.93 38.87 -9.65
CA GLU A 102 -23.87 38.14 -8.97
C GLU A 102 -23.13 37.23 -9.95
N ILE A 103 -23.87 36.60 -10.84
CA ILE A 103 -23.28 35.72 -11.83
C ILE A 103 -22.41 36.53 -12.80
N GLU A 104 -22.88 37.72 -13.15
CA GLU A 104 -22.16 38.61 -14.06
C GLU A 104 -20.80 39.02 -13.47
N THR A 105 -20.81 39.45 -12.22
CA THR A 105 -19.60 39.92 -11.55
C THR A 105 -18.65 38.86 -10.99
N THR A 106 -19.20 37.74 -10.53
CA THR A 106 -18.37 36.69 -9.90
C THR A 106 -18.24 35.40 -10.69
N GLY A 107 -19.18 35.16 -11.61
CA GLY A 107 -19.17 33.95 -12.40
C GLY A 107 -20.24 33.01 -11.88
N THR A 108 -20.02 32.48 -10.68
CA THR A 108 -20.95 31.58 -10.01
C THR A 108 -21.84 32.41 -9.07
N TYR A 109 -22.65 31.76 -8.26
CA TYR A 109 -23.48 32.47 -7.29
C TYR A 109 -23.67 31.70 -5.99
N GLN A 110 -24.05 32.42 -4.94
CA GLN A 110 -24.26 31.85 -3.63
C GLN A 110 -25.74 31.79 -3.30
N LEU A 111 -26.18 30.61 -2.87
CA LEU A 111 -27.56 30.38 -2.48
C LEU A 111 -27.81 30.91 -1.09
N THR A 112 -29.02 31.36 -0.81
CA THR A 112 -29.34 31.81 0.52
C THR A 112 -29.52 30.52 1.35
N LEU A 113 -29.33 30.61 2.67
CA LEU A 113 -29.49 29.43 3.52
C LEU A 113 -30.86 28.80 3.30
N ASP A 114 -31.88 29.66 3.19
CA ASP A 114 -33.24 29.22 2.96
C ASP A 114 -33.35 28.43 1.67
N GLU A 115 -32.69 28.90 0.62
CA GLU A 115 -32.69 28.24 -0.68
C GLU A 115 -32.01 26.87 -0.59
N LEU A 116 -30.87 26.82 0.10
CA LEU A 116 -30.13 25.59 0.26
C LEU A 116 -30.99 24.52 0.94
N ILE A 117 -31.64 24.92 2.03
CA ILE A 117 -32.54 24.04 2.77
C ILE A 117 -33.57 23.48 1.79
N PHE A 118 -34.20 24.39 1.06
CA PHE A 118 -35.18 24.01 0.07
C PHE A 118 -34.57 23.08 -0.97
N ALA A 119 -33.33 23.38 -1.37
CA ALA A 119 -32.65 22.57 -2.38
C ALA A 119 -32.46 21.14 -1.90
N THR A 120 -31.93 20.99 -0.68
CA THR A 120 -31.66 19.67 -0.15
C THR A 120 -32.87 18.78 0.03
N LYS A 121 -33.99 19.38 0.43
CA LYS A 121 -35.19 18.60 0.61
C LYS A 121 -35.76 18.20 -0.76
N MET A 122 -35.74 19.14 -1.71
CA MET A 122 -36.22 18.86 -3.06
C MET A 122 -35.38 17.76 -3.69
N ALA A 123 -34.05 17.89 -3.60
CA ALA A 123 -33.16 16.89 -4.18
C ALA A 123 -33.49 15.51 -3.63
N TRP A 124 -33.77 15.46 -2.32
CA TRP A 124 -34.13 14.21 -1.66
C TRP A 124 -35.49 13.79 -2.22
N ARG A 125 -36.43 14.72 -2.19
CA ARG A 125 -37.77 14.49 -2.70
C ARG A 125 -37.71 13.86 -4.10
N ASN A 126 -36.72 14.29 -4.88
CA ASN A 126 -36.53 13.81 -6.24
C ASN A 126 -35.60 12.62 -6.33
N ALA A 127 -35.43 11.87 -5.23
CA ALA A 127 -34.54 10.70 -5.27
C ALA A 127 -35.34 9.47 -5.66
N PRO A 128 -35.19 9.03 -6.91
CA PRO A 128 -35.90 7.85 -7.43
C PRO A 128 -35.70 6.59 -6.62
N ARG A 129 -34.50 6.43 -6.06
CA ARG A 129 -34.15 5.24 -5.31
C ARG A 129 -34.47 5.22 -3.81
N CYS A 130 -34.95 6.33 -3.26
CA CYS A 130 -35.25 6.38 -1.83
C CYS A 130 -36.71 6.09 -1.45
N ILE A 131 -36.88 5.14 -0.53
CA ILE A 131 -38.19 4.71 -0.04
C ILE A 131 -38.64 5.56 1.15
N GLY A 132 -37.71 6.25 1.78
CA GLY A 132 -38.04 7.04 2.94
C GLY A 132 -38.58 8.41 2.66
N ARG A 133 -38.74 8.72 1.37
CA ARG A 133 -39.18 10.07 0.95
C ARG A 133 -40.42 10.73 1.55
N ILE A 134 -41.21 10.01 2.35
CA ILE A 134 -42.38 10.64 2.96
C ILE A 134 -41.86 11.65 3.98
N GLN A 135 -40.64 11.40 4.45
CA GLN A 135 -39.95 12.23 5.44
C GLN A 135 -39.26 13.45 4.86
N TRP A 136 -39.28 13.56 3.53
CA TRP A 136 -38.59 14.64 2.82
C TRP A 136 -38.53 16.02 3.44
N SER A 137 -39.66 16.55 3.89
CA SER A 137 -39.67 17.89 4.48
C SER A 137 -39.05 17.96 5.89
N ASN A 138 -38.83 16.81 6.51
CA ASN A 138 -38.25 16.73 7.84
C ASN A 138 -36.74 16.44 7.81
N LEU A 139 -35.97 17.46 7.43
CA LEU A 139 -34.53 17.35 7.32
C LEU A 139 -33.83 18.54 7.96
N GLN A 140 -32.68 18.24 8.56
CA GLN A 140 -31.83 19.23 9.23
C GLN A 140 -30.66 19.54 8.32
N VAL A 141 -30.40 20.83 8.13
CA VAL A 141 -29.31 21.25 7.26
C VAL A 141 -28.15 21.93 7.96
N PHE A 142 -26.96 21.37 7.80
CA PHE A 142 -25.76 21.95 8.39
C PHE A 142 -24.94 22.60 7.29
N ASP A 143 -24.95 23.93 7.35
CA ASP A 143 -24.26 24.79 6.39
C ASP A 143 -22.76 24.93 6.65
N ALA A 144 -21.98 24.11 5.98
CA ALA A 144 -20.53 24.13 6.13
C ALA A 144 -19.87 24.70 4.88
N ARG A 145 -20.54 25.64 4.23
CA ARG A 145 -20.00 26.27 3.03
C ARG A 145 -18.79 27.20 3.31
N ASN A 146 -18.59 27.53 4.59
CA ASN A 146 -17.49 28.38 5.03
C ASN A 146 -16.25 27.54 5.25
N CYS A 147 -16.43 26.22 5.34
CA CYS A 147 -15.33 25.29 5.58
C CYS A 147 -14.18 25.48 4.61
N SER A 148 -12.96 25.22 5.07
CA SER A 148 -11.80 25.37 4.20
C SER A 148 -10.70 24.32 4.36
N THR A 149 -10.69 23.58 5.46
CA THR A 149 -9.66 22.56 5.64
C THR A 149 -10.21 21.19 5.99
N ALA A 150 -9.36 20.17 5.86
CA ALA A 150 -9.76 18.79 6.17
C ALA A 150 -10.15 18.65 7.63
N GLN A 151 -9.36 19.25 8.52
CA GLN A 151 -9.62 19.19 9.95
C GLN A 151 -10.96 19.86 10.28
N GLU A 152 -11.34 20.86 9.48
CA GLU A 152 -12.61 21.55 9.70
C GLU A 152 -13.76 20.71 9.16
N MET A 153 -13.45 19.91 8.15
CA MET A 153 -14.44 19.02 7.56
C MET A 153 -14.71 17.93 8.59
N PHE A 154 -13.62 17.38 9.13
CA PHE A 154 -13.70 16.32 10.12
C PHE A 154 -14.53 16.72 11.34
N GLN A 155 -14.48 17.99 11.69
CA GLN A 155 -15.22 18.50 12.84
C GLN A 155 -16.70 18.61 12.52
N HIS A 156 -17.01 19.05 11.30
CA HIS A 156 -18.40 19.16 10.85
C HIS A 156 -19.02 17.77 10.73
N ILE A 157 -18.22 16.81 10.27
CA ILE A 157 -18.71 15.46 10.14
C ILE A 157 -19.02 14.90 11.52
N CYS A 158 -18.13 15.15 12.48
CA CYS A 158 -18.34 14.67 13.84
C CYS A 158 -19.59 15.28 14.40
N ARG A 159 -19.78 16.57 14.13
CA ARG A 159 -20.95 17.31 14.60
C ARG A 159 -22.19 16.64 13.99
N HIS A 160 -22.07 16.23 12.73
CA HIS A 160 -23.16 15.59 12.04
C HIS A 160 -23.52 14.27 12.71
N ILE A 161 -22.53 13.39 12.77
CA ILE A 161 -22.69 12.09 13.39
C ILE A 161 -23.33 12.20 14.77
N LEU A 162 -22.85 13.13 15.59
CA LEU A 162 -23.41 13.31 16.92
C LEU A 162 -24.87 13.78 16.91
N TYR A 163 -25.20 14.69 16.01
CA TYR A 163 -26.58 15.19 15.91
C TYR A 163 -27.53 14.12 15.33
N ALA A 164 -27.07 13.43 14.28
CA ALA A 164 -27.89 12.42 13.65
C ALA A 164 -28.20 11.24 14.56
N THR A 165 -27.18 10.79 15.30
CA THR A 165 -27.30 9.65 16.20
C THR A 165 -28.27 9.84 17.34
N ASN A 166 -28.20 11.02 17.95
CA ASN A 166 -29.09 11.41 19.05
C ASN A 166 -29.38 10.30 20.07
N ASN A 167 -28.36 9.48 20.34
CA ASN A 167 -28.46 8.39 21.32
C ASN A 167 -29.55 7.38 20.94
N GLY A 168 -29.56 6.99 19.65
CA GLY A 168 -30.54 6.04 19.19
C GLY A 168 -31.81 6.62 18.58
N ASN A 169 -32.19 7.84 18.96
CA ASN A 169 -33.39 8.46 18.40
C ASN A 169 -32.93 9.21 17.15
N ILE A 170 -32.51 8.45 16.14
CA ILE A 170 -31.99 8.96 14.87
C ILE A 170 -32.75 10.12 14.25
N ARG A 171 -31.99 11.07 13.73
CA ARG A 171 -32.53 12.24 13.06
C ARG A 171 -31.89 12.39 11.69
N SER A 172 -32.73 12.65 10.69
CA SER A 172 -32.25 12.84 9.31
C SER A 172 -31.54 14.19 9.24
N ALA A 173 -30.35 14.20 8.65
CA ALA A 173 -29.59 15.43 8.53
C ALA A 173 -28.61 15.40 7.35
N ILE A 174 -28.20 16.58 6.92
CA ILE A 174 -27.24 16.72 5.82
C ILE A 174 -26.28 17.88 6.10
N THR A 175 -25.02 17.67 5.75
CA THR A 175 -24.01 18.70 5.91
C THR A 175 -23.52 19.08 4.52
N VAL A 176 -23.72 20.33 4.15
CA VAL A 176 -23.30 20.82 2.84
C VAL A 176 -21.99 21.58 2.91
N PHE A 177 -20.98 21.08 2.20
CA PHE A 177 -19.67 21.72 2.15
C PHE A 177 -19.62 22.68 0.95
N PRO A 178 -18.52 23.43 0.78
CA PRO A 178 -18.43 24.38 -0.35
C PRO A 178 -18.65 23.79 -1.75
N GLN A 179 -19.44 24.52 -2.55
CA GLN A 179 -19.76 24.13 -3.92
C GLN A 179 -18.52 24.07 -4.80
N ARG A 180 -18.61 23.31 -5.89
CA ARG A 180 -17.50 23.21 -6.82
C ARG A 180 -17.37 24.57 -7.49
N SER A 181 -16.15 25.08 -7.57
CA SER A 181 -15.93 26.37 -8.19
C SER A 181 -15.39 26.17 -9.59
N ASP A 182 -14.10 25.87 -9.71
CA ASP A 182 -13.50 25.66 -11.01
C ASP A 182 -13.38 24.18 -11.33
N GLY A 183 -13.51 23.34 -10.30
CA GLY A 183 -13.42 21.91 -10.48
C GLY A 183 -12.11 21.31 -9.99
N LYS A 184 -11.08 22.14 -9.86
CA LYS A 184 -9.78 21.70 -9.38
C LYS A 184 -9.69 21.81 -7.87
N HIS A 185 -10.65 22.52 -7.27
CA HIS A 185 -10.72 22.72 -5.81
C HIS A 185 -12.00 22.04 -5.28
N ASP A 186 -12.09 20.72 -5.48
CA ASP A 186 -13.24 19.93 -5.05
C ASP A 186 -13.19 19.44 -3.61
N PHE A 187 -14.27 19.65 -2.87
CA PHE A 187 -14.38 19.15 -1.49
C PHE A 187 -15.00 17.77 -1.64
N ARG A 188 -14.31 16.72 -1.19
CA ARG A 188 -14.83 15.35 -1.35
C ARG A 188 -14.53 14.37 -0.23
N LEU A 189 -15.55 13.64 0.23
CA LEU A 189 -15.34 12.60 1.24
C LEU A 189 -15.04 11.36 0.40
N TRP A 190 -13.96 10.67 0.69
CA TRP A 190 -13.61 9.48 -0.09
C TRP A 190 -14.34 8.21 0.32
N ASN A 191 -15.06 8.29 1.44
CA ASN A 191 -15.83 7.17 1.96
C ASN A 191 -17.17 7.03 1.19
N SER A 192 -17.71 5.81 1.19
CA SER A 192 -19.00 5.56 0.55
C SER A 192 -20.10 6.00 1.51
N GLN A 193 -19.95 5.64 2.79
CA GLN A 193 -20.90 6.01 3.87
C GLN A 193 -20.06 6.60 5.02
N LEU A 194 -20.65 7.36 5.91
CA LEU A 194 -19.86 7.89 7.03
C LEU A 194 -19.33 6.75 7.89
N ILE A 195 -20.23 5.98 8.51
CA ILE A 195 -19.82 4.82 9.32
C ILE A 195 -19.85 3.60 8.39
N ARG A 196 -18.76 2.85 8.36
CA ARG A 196 -18.71 1.69 7.48
C ARG A 196 -17.64 0.78 8.02
N TYR A 197 -17.92 -0.52 8.07
CA TYR A 197 -16.96 -1.49 8.58
C TYR A 197 -15.86 -1.81 7.59
N ALA A 198 -14.71 -2.21 8.12
CA ALA A 198 -13.55 -2.56 7.30
C ALA A 198 -13.58 -4.02 6.89
N GLY A 199 -12.83 -4.32 5.83
CA GLY A 199 -12.75 -5.67 5.31
C GLY A 199 -11.34 -5.96 4.85
N TYR A 200 -10.75 -7.01 5.42
CA TYR A 200 -9.38 -7.37 5.08
C TYR A 200 -9.22 -8.72 4.40
N GLN A 201 -8.22 -8.80 3.53
CA GLN A 201 -7.91 -10.03 2.81
C GLN A 201 -7.03 -10.87 3.73
N MET A 202 -7.67 -11.70 4.56
CA MET A 202 -6.99 -12.57 5.52
C MET A 202 -5.97 -13.52 4.86
N PRO A 203 -4.93 -13.93 5.62
CA PRO A 203 -3.85 -14.84 5.21
C PRO A 203 -4.33 -16.15 4.59
N ASP A 204 -5.20 -16.84 5.33
CA ASP A 204 -5.77 -18.13 4.91
C ASP A 204 -6.83 -18.10 3.80
N GLY A 205 -6.69 -17.14 2.88
CA GLY A 205 -7.60 -17.00 1.75
C GLY A 205 -8.94 -16.32 2.01
N THR A 206 -9.51 -16.60 3.18
CA THR A 206 -10.81 -16.05 3.58
C THR A 206 -10.80 -14.53 3.68
N ILE A 207 -11.99 -13.95 3.69
CA ILE A 207 -12.16 -12.51 3.81
C ILE A 207 -12.74 -12.29 5.20
N ARG A 208 -12.34 -11.21 5.86
CA ARG A 208 -12.84 -10.93 7.19
C ARG A 208 -13.55 -9.59 7.22
N GLY A 209 -14.72 -9.55 7.87
CA GLY A 209 -15.49 -8.32 7.94
C GLY A 209 -16.35 -8.06 6.72
N ASP A 210 -16.45 -6.79 6.34
CA ASP A 210 -17.25 -6.38 5.18
C ASP A 210 -16.46 -6.47 3.88
N ALA A 211 -16.60 -7.60 3.17
CA ALA A 211 -15.91 -7.84 1.91
C ALA A 211 -16.10 -6.77 0.85
N ALA A 212 -17.13 -5.96 1.03
CA ALA A 212 -17.44 -4.91 0.09
C ALA A 212 -16.48 -3.74 0.19
N THR A 213 -15.95 -3.50 1.38
CA THR A 213 -15.00 -2.39 1.58
C THR A 213 -13.54 -2.79 1.45
N LEU A 214 -13.27 -3.97 0.89
CA LEU A 214 -11.91 -4.48 0.69
C LEU A 214 -10.93 -3.53 0.02
N GLU A 215 -11.32 -3.02 -1.14
CA GLU A 215 -10.52 -2.10 -1.94
C GLU A 215 -10.25 -0.78 -1.23
N PHE A 216 -11.28 -0.22 -0.61
CA PHE A 216 -11.16 1.06 0.10
C PHE A 216 -10.37 0.90 1.40
N THR A 217 -10.49 -0.26 2.06
CA THR A 217 -9.77 -0.53 3.31
C THR A 217 -8.28 -0.46 3.02
N GLN A 218 -7.90 -1.06 1.90
CA GLN A 218 -6.51 -1.09 1.49
C GLN A 218 -6.01 0.34 1.36
N LEU A 219 -6.84 1.19 0.76
CA LEU A 219 -6.50 2.59 0.58
C LEU A 219 -6.20 3.28 1.91
N CYS A 220 -7.07 3.07 2.88
CA CYS A 220 -6.90 3.67 4.20
C CYS A 220 -5.54 3.26 4.80
N ILE A 221 -5.17 2.00 4.61
CA ILE A 221 -3.91 1.47 5.11
C ILE A 221 -2.75 2.20 4.40
N ASP A 222 -2.87 2.31 3.07
CA ASP A 222 -1.88 2.99 2.24
C ASP A 222 -1.65 4.43 2.70
N LEU A 223 -2.70 5.07 3.19
CA LEU A 223 -2.59 6.45 3.66
C LEU A 223 -2.16 6.47 5.13
N GLY A 224 -1.74 5.31 5.63
CA GLY A 224 -1.28 5.20 6.99
C GLY A 224 -2.38 5.10 8.03
N TRP A 225 -3.06 3.95 8.07
CA TRP A 225 -4.13 3.73 9.04
C TRP A 225 -3.82 2.39 9.69
N LYS A 226 -3.94 2.33 11.01
CA LYS A 226 -3.67 1.11 11.77
C LYS A 226 -4.85 0.14 11.70
N PRO A 227 -4.70 -0.95 10.91
CA PRO A 227 -5.72 -1.99 10.72
C PRO A 227 -5.86 -2.93 11.92
N ARG A 228 -7.00 -2.86 12.60
CA ARG A 228 -7.26 -3.70 13.77
C ARG A 228 -7.80 -5.11 13.49
N TYR A 229 -7.63 -5.56 12.24
CA TYR A 229 -8.07 -6.88 11.78
C TYR A 229 -9.21 -7.55 12.55
N GLY A 230 -10.42 -7.02 12.39
CA GLY A 230 -11.59 -7.54 13.06
C GLY A 230 -12.78 -7.59 12.12
N ARG A 231 -13.91 -8.11 12.61
CA ARG A 231 -15.11 -8.22 11.78
C ARG A 231 -15.89 -6.94 11.74
N PHE A 232 -15.75 -6.11 12.76
CA PHE A 232 -16.50 -4.86 12.81
C PHE A 232 -15.67 -3.63 13.16
N ASP A 233 -14.59 -3.41 12.41
CA ASP A 233 -13.72 -2.25 12.62
C ASP A 233 -14.21 -1.06 11.84
N VAL A 234 -14.71 -0.05 12.53
CA VAL A 234 -15.20 1.15 11.85
C VAL A 234 -14.07 1.85 11.11
N LEU A 235 -14.24 1.98 9.79
CA LEU A 235 -13.25 2.62 8.92
C LEU A 235 -13.09 4.11 9.23
N PRO A 236 -11.95 4.70 8.80
CA PRO A 236 -11.64 6.12 9.00
C PRO A 236 -12.18 7.05 7.91
N LEU A 237 -12.50 8.28 8.29
CA LEU A 237 -12.96 9.27 7.34
C LEU A 237 -11.77 9.66 6.46
N VAL A 238 -11.93 9.64 5.15
CA VAL A 238 -10.84 10.01 4.25
C VAL A 238 -11.30 11.28 3.58
N LEU A 239 -10.90 12.40 4.16
CA LEU A 239 -11.34 13.70 3.68
C LEU A 239 -10.41 14.48 2.74
N GLN A 240 -11.01 15.04 1.70
CA GLN A 240 -10.32 15.84 0.71
C GLN A 240 -10.95 17.22 0.78
N ALA A 241 -10.11 18.25 0.94
CA ALA A 241 -10.61 19.63 1.04
C ALA A 241 -9.98 20.59 0.03
N ASP A 242 -10.81 21.46 -0.54
CA ASP A 242 -10.37 22.47 -1.50
C ASP A 242 -9.37 21.90 -2.52
N GLY A 243 -9.68 20.75 -3.07
CA GLY A 243 -8.81 20.12 -4.05
C GLY A 243 -7.55 19.47 -3.50
N GLN A 244 -7.20 19.76 -2.24
CA GLN A 244 -6.00 19.21 -1.61
C GLN A 244 -5.99 17.68 -1.53
N ASP A 245 -4.93 17.12 -0.95
CA ASP A 245 -4.82 15.68 -0.80
C ASP A 245 -5.68 15.17 0.36
N PRO A 246 -6.21 13.95 0.24
CA PRO A 246 -7.03 13.35 1.29
C PRO A 246 -6.28 13.04 2.56
N GLU A 247 -6.83 13.51 3.68
CA GLU A 247 -6.25 13.27 5.00
C GLU A 247 -7.14 12.27 5.73
N VAL A 248 -6.52 11.33 6.42
CA VAL A 248 -7.26 10.32 7.16
C VAL A 248 -7.58 10.77 8.59
N PHE A 249 -8.76 10.40 9.08
CA PHE A 249 -9.20 10.74 10.44
C PHE A 249 -10.02 9.57 11.01
N GLU A 250 -9.66 9.12 12.20
CA GLU A 250 -10.38 8.03 12.85
C GLU A 250 -11.60 8.62 13.55
N ILE A 251 -12.76 8.00 13.34
CA ILE A 251 -13.97 8.50 13.96
C ILE A 251 -13.96 8.19 15.44
N PRO A 252 -14.17 9.22 16.28
CA PRO A 252 -14.19 9.04 17.73
C PRO A 252 -15.19 7.94 18.09
N PRO A 253 -14.69 6.81 18.62
CA PRO A 253 -15.53 5.66 19.01
C PRO A 253 -16.79 5.97 19.77
N ASP A 254 -16.74 6.99 20.63
CA ASP A 254 -17.91 7.39 21.41
C ASP A 254 -19.05 7.82 20.50
N LEU A 255 -18.69 8.34 19.33
CA LEU A 255 -19.66 8.83 18.34
C LEU A 255 -20.39 7.73 17.60
N VAL A 256 -19.68 6.66 17.26
CA VAL A 256 -20.26 5.53 16.53
C VAL A 256 -21.09 4.61 17.43
N LEU A 257 -22.42 4.68 17.29
CA LEU A 257 -23.35 3.85 18.04
C LEU A 257 -23.63 2.55 17.29
N GLU A 258 -23.56 1.42 17.99
CA GLU A 258 -23.81 0.13 17.36
C GLU A 258 -24.90 -0.67 18.09
N VAL A 259 -25.50 -1.62 17.38
CA VAL A 259 -26.53 -2.48 17.97
C VAL A 259 -26.01 -3.90 17.92
N THR A 260 -26.12 -4.61 19.03
CA THR A 260 -25.65 -5.99 19.14
C THR A 260 -26.79 -6.90 18.69
N MET A 261 -26.51 -7.82 17.77
CA MET A 261 -27.58 -8.69 17.30
C MET A 261 -28.03 -9.70 18.35
N GLU A 262 -29.34 -9.85 18.47
CA GLU A 262 -29.92 -10.70 19.48
C GLU A 262 -31.29 -11.20 19.00
N HIS A 263 -31.51 -12.52 18.95
CA HIS A 263 -32.81 -13.04 18.54
C HIS A 263 -33.74 -13.19 19.77
N PRO A 264 -35.03 -12.90 19.61
CA PRO A 264 -35.94 -13.01 20.77
C PRO A 264 -36.34 -14.40 21.23
N LYS A 265 -35.92 -15.44 20.50
CA LYS A 265 -36.25 -16.84 20.86
C LYS A 265 -35.04 -17.73 20.76
N TYR A 266 -34.14 -17.42 19.83
CA TYR A 266 -32.93 -18.21 19.63
C TYR A 266 -31.77 -17.67 20.46
N GLU A 267 -31.59 -18.21 21.66
CA GLU A 267 -30.52 -17.77 22.54
C GLU A 267 -29.14 -17.98 21.95
N TRP A 268 -29.06 -18.78 20.88
CA TRP A 268 -27.78 -19.03 20.23
C TRP A 268 -27.42 -17.93 19.24
N PHE A 269 -28.35 -17.00 19.00
CA PHE A 269 -28.11 -15.92 18.03
C PHE A 269 -26.98 -14.98 18.45
N GLN A 270 -27.02 -14.53 19.70
CA GLN A 270 -25.99 -13.65 20.22
C GLN A 270 -24.60 -14.29 20.09
N GLU A 271 -24.55 -15.62 20.17
CA GLU A 271 -23.29 -16.37 20.05
C GLU A 271 -22.65 -16.15 18.69
N LEU A 272 -23.40 -15.61 17.75
CA LEU A 272 -22.88 -15.34 16.41
C LEU A 272 -21.99 -14.10 16.46
N GLY A 273 -22.10 -13.37 17.57
CA GLY A 273 -21.30 -12.17 17.80
C GLY A 273 -21.47 -11.08 16.77
N LEU A 274 -22.70 -10.91 16.30
CA LEU A 274 -23.01 -9.91 15.29
C LEU A 274 -23.48 -8.60 15.87
N LYS A 275 -23.34 -7.55 15.06
CA LYS A 275 -23.76 -6.20 15.39
C LYS A 275 -23.64 -5.33 14.13
N TRP A 276 -24.27 -4.15 14.16
CA TRP A 276 -24.21 -3.23 13.03
C TRP A 276 -24.40 -1.82 13.54
N TYR A 277 -23.86 -0.84 12.82
CA TYR A 277 -24.00 0.57 13.21
C TYR A 277 -25.40 1.08 12.96
N ALA A 278 -25.84 2.01 13.78
CA ALA A 278 -27.18 2.58 13.67
C ALA A 278 -27.30 3.74 12.69
N LEU A 279 -26.18 4.21 12.16
CA LEU A 279 -26.22 5.36 11.27
C LEU A 279 -25.96 5.11 9.80
N PRO A 280 -27.03 5.17 8.98
CA PRO A 280 -26.86 4.95 7.56
C PRO A 280 -26.73 6.35 6.97
N ALA A 281 -25.49 6.73 6.67
CA ALA A 281 -25.22 8.05 6.14
C ALA A 281 -24.45 7.99 4.83
N VAL A 282 -25.13 8.34 3.73
CA VAL A 282 -24.53 8.33 2.40
C VAL A 282 -23.58 9.51 2.35
N ALA A 283 -22.33 9.20 2.01
CA ALA A 283 -21.30 10.22 2.02
C ALA A 283 -20.70 10.75 0.73
N ASN A 284 -20.81 9.98 -0.35
CA ASN A 284 -20.16 10.39 -1.59
C ASN A 284 -21.00 10.88 -2.74
N MET A 285 -22.16 11.44 -2.45
CA MET A 285 -22.99 11.92 -3.56
C MET A 285 -22.90 13.43 -3.77
N LEU A 286 -23.14 13.85 -5.00
CA LEU A 286 -23.09 15.24 -5.37
C LEU A 286 -24.48 15.85 -5.44
N LEU A 287 -24.63 17.04 -4.87
CA LEU A 287 -25.91 17.74 -4.91
C LEU A 287 -25.88 18.76 -6.04
N GLU A 288 -26.85 18.66 -6.96
CA GLU A 288 -26.91 19.61 -8.06
C GLU A 288 -28.15 20.46 -7.85
N VAL A 289 -27.97 21.77 -7.90
CA VAL A 289 -29.08 22.68 -7.74
C VAL A 289 -28.80 24.01 -8.44
N GLY A 290 -29.77 24.45 -9.23
CA GLY A 290 -29.67 25.69 -9.98
C GLY A 290 -28.33 25.86 -10.68
N GLY A 291 -27.88 24.80 -11.35
CA GLY A 291 -26.61 24.87 -12.06
C GLY A 291 -25.39 24.70 -11.17
N LEU A 292 -25.57 24.86 -9.86
CA LEU A 292 -24.48 24.71 -8.92
C LEU A 292 -24.28 23.24 -8.58
N GLU A 293 -23.06 22.90 -8.17
CA GLU A 293 -22.72 21.53 -7.82
C GLU A 293 -21.99 21.45 -6.47
N PHE A 294 -22.51 20.64 -5.55
CA PHE A 294 -21.89 20.44 -4.25
C PHE A 294 -21.40 18.99 -4.20
N PRO A 295 -20.10 18.76 -4.47
CA PRO A 295 -19.46 17.45 -4.48
C PRO A 295 -19.35 16.73 -3.14
N ALA A 296 -19.63 17.44 -2.05
CA ALA A 296 -19.56 16.85 -0.70
C ALA A 296 -20.75 17.35 0.10
N CYS A 297 -21.65 16.43 0.43
CA CYS A 297 -22.86 16.77 1.16
C CYS A 297 -23.46 15.52 1.79
N PRO A 298 -22.70 14.86 2.68
CA PRO A 298 -23.21 13.64 3.32
C PRO A 298 -24.56 13.85 4.01
N PHE A 299 -25.40 12.82 3.93
CA PHE A 299 -26.71 12.85 4.53
C PHE A 299 -27.06 11.50 5.13
N ASN A 300 -28.10 11.50 5.95
CA ASN A 300 -28.53 10.28 6.59
C ASN A 300 -30.01 10.33 6.96
N GLY A 301 -30.57 9.14 7.12
CA GLY A 301 -31.93 8.99 7.56
C GLY A 301 -31.76 7.93 8.62
N TRP A 302 -32.68 6.97 8.67
CA TRP A 302 -32.58 5.86 9.62
C TRP A 302 -32.72 4.56 8.84
N TYR A 303 -32.14 3.49 9.37
CA TYR A 303 -32.20 2.18 8.70
C TYR A 303 -33.59 1.58 8.51
N MET A 304 -33.68 0.75 7.48
CA MET A 304 -34.89 -0.01 7.18
C MET A 304 -34.38 -1.42 7.35
N GLY A 305 -34.95 -2.12 8.34
CA GLY A 305 -34.55 -3.48 8.66
C GLY A 305 -33.83 -4.34 7.63
N THR A 306 -34.47 -4.57 6.50
CA THR A 306 -33.91 -5.43 5.45
C THR A 306 -32.54 -5.06 4.95
N GLU A 307 -32.16 -3.81 5.15
CA GLU A 307 -30.85 -3.34 4.70
C GLU A 307 -29.74 -4.12 5.40
N ILE A 308 -29.87 -4.22 6.72
CA ILE A 308 -28.90 -4.92 7.53
C ILE A 308 -29.18 -6.42 7.49
N GLY A 309 -30.42 -6.78 7.81
CA GLY A 309 -30.81 -8.18 7.84
C GLY A 309 -30.67 -8.95 6.56
N VAL A 310 -30.89 -8.30 5.42
CA VAL A 310 -30.83 -9.01 4.16
C VAL A 310 -29.60 -8.72 3.31
N ARG A 311 -29.35 -7.45 3.02
CA ARG A 311 -28.21 -7.11 2.18
C ARG A 311 -26.86 -7.25 2.87
N ASP A 312 -26.70 -6.55 4.00
CA ASP A 312 -25.46 -6.57 4.79
C ASP A 312 -25.08 -7.93 5.34
N PHE A 313 -26.04 -8.60 5.98
CA PHE A 313 -25.78 -9.91 6.57
C PHE A 313 -25.90 -11.07 5.58
N CYS A 314 -26.84 -10.97 4.64
CA CYS A 314 -27.03 -12.09 3.72
C CYS A 314 -26.44 -12.12 2.31
N ASP A 315 -26.02 -10.99 1.74
CA ASP A 315 -25.42 -11.04 0.40
C ASP A 315 -24.16 -11.89 0.47
N THR A 316 -23.88 -12.66 -0.57
CA THR A 316 -22.67 -13.49 -0.57
C THR A 316 -21.42 -12.61 -0.62
N GLN A 317 -21.56 -11.41 -1.15
CA GLN A 317 -20.43 -10.49 -1.27
C GLN A 317 -20.29 -9.60 -0.03
N ARG A 318 -20.97 -9.97 1.05
CA ARG A 318 -20.89 -9.22 2.30
C ARG A 318 -20.55 -10.19 3.44
N TYR A 319 -21.28 -10.07 4.55
CA TYR A 319 -21.03 -10.92 5.70
C TYR A 319 -21.49 -12.36 5.51
N ASN A 320 -22.30 -12.60 4.47
CA ASN A 320 -22.79 -13.94 4.10
C ASN A 320 -23.03 -14.90 5.28
N ILE A 321 -23.94 -14.57 6.19
CA ILE A 321 -24.19 -15.41 7.35
C ILE A 321 -25.36 -16.40 7.19
N LEU A 322 -25.92 -16.45 5.99
CA LEU A 322 -27.08 -17.30 5.73
C LEU A 322 -26.96 -18.81 5.97
N GLU A 323 -25.91 -19.44 5.46
CA GLU A 323 -25.74 -20.87 5.67
C GLU A 323 -25.43 -21.12 7.18
N GLU A 324 -24.74 -20.14 7.77
CA GLU A 324 -24.36 -20.17 9.18
C GLU A 324 -25.58 -20.18 10.10
N VAL A 325 -26.56 -19.34 9.80
CA VAL A 325 -27.79 -19.26 10.60
C VAL A 325 -28.70 -20.42 10.25
N GLY A 326 -28.46 -20.97 9.06
CA GLY A 326 -29.25 -22.09 8.60
C GLY A 326 -29.07 -23.31 9.48
N ARG A 327 -27.85 -23.86 9.49
CA ARG A 327 -27.57 -25.06 10.28
C ARG A 327 -27.91 -24.94 11.75
N ARG A 328 -27.69 -23.77 12.32
CA ARG A 328 -27.99 -23.58 13.73
C ARG A 328 -29.49 -23.54 13.99
N MET A 329 -30.27 -23.58 12.91
CA MET A 329 -31.73 -23.59 12.98
C MET A 329 -32.26 -25.01 12.78
N GLY A 330 -31.38 -25.91 12.34
CA GLY A 330 -31.72 -27.30 12.12
C GLY A 330 -32.18 -27.64 10.71
N LEU A 331 -32.35 -26.59 9.90
CA LEU A 331 -32.83 -26.69 8.53
C LEU A 331 -31.97 -27.52 7.58
N GLU A 332 -32.60 -28.06 6.53
CA GLU A 332 -31.90 -28.87 5.53
C GLU A 332 -31.16 -27.94 4.59
N THR A 333 -30.04 -27.41 5.06
CA THR A 333 -29.24 -26.47 4.29
C THR A 333 -28.57 -27.05 3.06
N HIS A 334 -28.91 -28.29 2.72
CA HIS A 334 -28.35 -28.95 1.55
C HIS A 334 -29.38 -29.24 0.46
N THR A 335 -30.63 -28.88 0.75
CA THR A 335 -31.74 -29.05 -0.17
C THR A 335 -32.43 -27.70 -0.43
N LEU A 336 -32.13 -27.08 -1.57
CA LEU A 336 -32.73 -25.77 -1.90
C LEU A 336 -34.24 -25.74 -1.80
N ALA A 337 -34.88 -26.79 -2.31
CA ALA A 337 -36.33 -26.90 -2.28
C ALA A 337 -36.97 -26.80 -0.88
N SER A 338 -36.19 -27.04 0.18
CA SER A 338 -36.74 -26.96 1.54
C SER A 338 -37.06 -25.54 1.96
N LEU A 339 -36.58 -24.58 1.17
CA LEU A 339 -36.79 -23.16 1.41
C LEU A 339 -36.16 -22.68 2.72
N TRP A 340 -35.07 -23.34 3.11
CA TRP A 340 -34.37 -23.00 4.34
C TRP A 340 -33.87 -21.57 4.28
N LYS A 341 -33.50 -21.11 3.09
CA LYS A 341 -33.04 -19.75 2.96
C LYS A 341 -34.16 -18.76 3.30
N ASP A 342 -35.39 -19.08 2.86
CA ASP A 342 -36.52 -18.21 3.13
C ASP A 342 -36.81 -18.22 4.64
N ARG A 343 -36.44 -19.32 5.29
CA ARG A 343 -36.66 -19.40 6.73
C ARG A 343 -35.61 -18.64 7.54
N ALA A 344 -34.34 -18.82 7.19
CA ALA A 344 -33.24 -18.17 7.90
C ALA A 344 -33.28 -16.66 7.78
N VAL A 345 -33.23 -16.16 6.54
CA VAL A 345 -33.22 -14.72 6.33
C VAL A 345 -34.35 -14.04 7.06
N THR A 346 -35.49 -14.70 7.21
CA THR A 346 -36.61 -14.06 7.90
C THR A 346 -36.31 -13.93 9.40
N GLU A 347 -35.70 -14.96 9.98
CA GLU A 347 -35.34 -14.93 11.39
C GLU A 347 -34.20 -13.92 11.62
N ILE A 348 -33.29 -13.80 10.66
CA ILE A 348 -32.21 -12.83 10.75
C ILE A 348 -32.85 -11.42 10.78
N ASN A 349 -33.84 -11.20 9.92
CA ASN A 349 -34.54 -9.93 9.84
C ASN A 349 -35.22 -9.62 11.17
N VAL A 350 -35.76 -10.67 11.80
CA VAL A 350 -36.44 -10.53 13.08
C VAL A 350 -35.43 -10.10 14.15
N ALA A 351 -34.23 -10.67 14.09
CA ALA A 351 -33.17 -10.35 15.04
C ALA A 351 -32.84 -8.85 14.98
N VAL A 352 -32.57 -8.37 13.78
CA VAL A 352 -32.23 -6.99 13.53
C VAL A 352 -33.28 -6.07 14.12
N LEU A 353 -34.53 -6.28 13.72
CA LEU A 353 -35.65 -5.46 14.19
C LEU A 353 -35.80 -5.51 15.70
N HIS A 354 -35.68 -6.71 16.26
CA HIS A 354 -35.80 -6.90 17.68
C HIS A 354 -34.68 -6.18 18.44
N SER A 355 -33.45 -6.34 17.96
CA SER A 355 -32.28 -5.72 18.55
C SER A 355 -32.29 -4.19 18.52
N PHE A 356 -32.77 -3.60 17.43
CA PHE A 356 -32.82 -2.15 17.35
C PHE A 356 -33.92 -1.63 18.30
N GLN A 357 -35.05 -2.33 18.34
CA GLN A 357 -36.16 -1.93 19.19
C GLN A 357 -35.82 -1.98 20.68
N LYS A 358 -35.13 -3.06 21.07
CA LYS A 358 -34.74 -3.27 22.45
C LYS A 358 -33.76 -2.21 22.91
N GLN A 359 -32.75 -1.93 22.10
CA GLN A 359 -31.73 -0.94 22.41
C GLN A 359 -32.12 0.50 22.11
N ASN A 360 -33.43 0.74 21.98
CA ASN A 360 -33.98 2.07 21.68
C ASN A 360 -33.29 2.84 20.53
N VAL A 361 -33.10 2.15 19.41
CA VAL A 361 -32.49 2.73 18.22
C VAL A 361 -33.50 2.70 17.07
N THR A 362 -33.84 3.87 16.54
CA THR A 362 -34.80 3.98 15.43
C THR A 362 -34.54 2.99 14.29
N ILE A 363 -35.63 2.47 13.75
CA ILE A 363 -35.57 1.56 12.62
C ILE A 363 -37.00 1.32 12.15
N MET A 364 -37.16 0.99 10.88
CA MET A 364 -38.48 0.72 10.33
C MET A 364 -38.43 -0.54 9.51
N ASP A 365 -39.41 -1.42 9.69
CA ASP A 365 -39.43 -2.66 8.92
C ASP A 365 -39.87 -2.29 7.51
N HIS A 366 -39.54 -3.15 6.54
CA HIS A 366 -39.85 -2.90 5.16
C HIS A 366 -41.31 -2.78 4.75
N HIS A 367 -42.20 -3.52 5.42
CA HIS A 367 -43.63 -3.48 5.10
C HIS A 367 -44.16 -2.09 5.39
N THR A 368 -43.88 -1.64 6.60
CA THR A 368 -44.26 -0.34 7.06
C THR A 368 -43.67 0.75 6.14
N ALA A 369 -42.44 0.54 5.70
CA ALA A 369 -41.76 1.51 4.86
C ALA A 369 -42.49 1.63 3.56
N SER A 370 -42.85 0.47 3.00
CA SER A 370 -43.55 0.40 1.73
C SER A 370 -44.87 1.12 1.84
N GLU A 371 -45.61 0.87 2.91
CA GLU A 371 -46.89 1.54 3.07
C GLU A 371 -46.75 3.05 3.07
N SER A 372 -45.81 3.56 3.87
CA SER A 372 -45.58 5.01 3.94
C SER A 372 -45.16 5.56 2.58
N PHE A 373 -44.42 4.77 1.80
CA PHE A 373 -44.03 5.26 0.50
C PHE A 373 -45.26 5.42 -0.40
N MET A 374 -46.17 4.46 -0.33
CA MET A 374 -47.40 4.54 -1.12
C MET A 374 -48.16 5.81 -0.74
N LYS A 375 -48.28 6.10 0.54
CA LYS A 375 -48.94 7.31 1.00
C LYS A 375 -48.19 8.50 0.43
N HIS A 376 -46.87 8.40 0.38
CA HIS A 376 -46.07 9.49 -0.15
C HIS A 376 -46.44 9.77 -1.60
N MET A 377 -46.39 8.75 -2.44
CA MET A 377 -46.72 8.86 -3.87
C MET A 377 -48.06 9.58 -4.08
N GLN A 378 -49.07 9.16 -3.32
CA GLN A 378 -50.40 9.76 -3.39
C GLN A 378 -50.33 11.24 -3.10
N ASN A 379 -49.49 11.62 -2.14
CA ASN A 379 -49.32 13.02 -1.76
C ASN A 379 -48.60 13.76 -2.88
N GLU A 380 -47.59 13.11 -3.46
CA GLU A 380 -46.81 13.70 -4.53
C GLU A 380 -47.61 13.97 -5.80
N TYR A 381 -48.44 13.01 -6.20
CA TYR A 381 -49.27 13.17 -7.39
C TYR A 381 -50.31 14.28 -7.21
N ARG A 382 -50.92 14.34 -6.03
CA ARG A 382 -51.89 15.38 -5.76
C ARG A 382 -51.19 16.75 -5.77
N ALA A 383 -50.07 16.85 -5.08
CA ALA A 383 -49.32 18.11 -4.99
C ALA A 383 -48.62 18.55 -6.27
N ARG A 384 -48.01 17.62 -6.99
CA ARG A 384 -47.32 18.02 -8.22
C ARG A 384 -47.44 17.09 -9.43
N GLY A 385 -48.33 16.11 -9.33
CA GLY A 385 -48.56 15.20 -10.44
C GLY A 385 -47.38 14.39 -10.91
N GLY A 386 -46.80 13.62 -10.00
CA GLY A 386 -45.67 12.79 -10.35
C GLY A 386 -44.82 12.52 -9.14
N CYS A 387 -43.96 11.51 -9.28
CA CYS A 387 -43.03 11.13 -8.23
C CYS A 387 -42.01 10.21 -8.89
N PRO A 388 -40.83 10.75 -9.18
CA PRO A 388 -39.79 9.95 -9.82
C PRO A 388 -39.48 8.70 -8.97
N ALA A 389 -39.77 7.53 -9.51
CA ALA A 389 -39.54 6.31 -8.74
C ALA A 389 -38.84 5.20 -9.50
N ASP A 390 -37.87 4.57 -8.83
CA ASP A 390 -37.12 3.46 -9.42
C ASP A 390 -37.63 2.17 -8.74
N TRP A 391 -38.44 1.42 -9.48
CA TRP A 391 -39.04 0.19 -8.98
C TRP A 391 -37.98 -0.81 -8.52
N ILE A 392 -36.92 -0.96 -9.30
CA ILE A 392 -35.84 -1.91 -8.99
C ILE A 392 -35.18 -1.63 -7.63
N TRP A 393 -35.24 -0.38 -7.21
CA TRP A 393 -34.65 0.00 -5.95
C TRP A 393 -35.67 0.10 -4.82
N LEU A 394 -36.91 0.43 -5.15
CA LEU A 394 -37.94 0.59 -4.13
C LEU A 394 -38.53 -0.69 -3.59
N VAL A 395 -38.44 -1.75 -4.38
CA VAL A 395 -38.95 -3.04 -3.95
C VAL A 395 -37.92 -3.68 -3.06
N PRO A 396 -38.33 -4.06 -1.84
CA PRO A 396 -37.47 -4.69 -0.84
C PRO A 396 -36.79 -5.97 -1.35
N PRO A 397 -35.59 -6.28 -0.82
CA PRO A 397 -34.84 -7.47 -1.22
C PRO A 397 -35.46 -8.79 -0.74
N VAL A 398 -36.61 -8.68 -0.07
CA VAL A 398 -37.39 -9.84 0.40
C VAL A 398 -38.86 -9.39 0.38
N SER A 399 -39.77 -10.36 0.38
CA SER A 399 -41.22 -10.09 0.39
C SER A 399 -41.72 -9.17 -0.71
N GLY A 400 -41.17 -9.34 -1.91
CA GLY A 400 -41.53 -8.50 -3.05
C GLY A 400 -42.99 -8.16 -3.24
N SER A 401 -43.77 -9.13 -3.73
CA SER A 401 -45.19 -8.92 -3.99
C SER A 401 -46.04 -8.78 -2.74
N ILE A 402 -45.45 -9.04 -1.57
CA ILE A 402 -46.15 -8.90 -0.31
C ILE A 402 -46.27 -7.41 0.03
N THR A 403 -45.35 -6.58 -0.48
CA THR A 403 -45.42 -5.13 -0.23
C THR A 403 -46.21 -4.48 -1.38
N PRO A 404 -47.00 -3.44 -1.07
CA PRO A 404 -47.78 -2.76 -2.11
C PRO A 404 -46.98 -2.13 -3.28
N VAL A 405 -45.74 -1.74 -3.01
CA VAL A 405 -44.88 -1.12 -4.01
C VAL A 405 -44.63 -1.97 -5.27
N PHE A 406 -44.62 -3.28 -5.07
CA PHE A 406 -44.39 -4.22 -6.15
C PHE A 406 -45.45 -4.11 -7.25
N HIS A 407 -46.67 -3.82 -6.83
CA HIS A 407 -47.81 -3.71 -7.73
C HIS A 407 -48.05 -2.37 -8.34
N GLN A 408 -47.27 -1.39 -7.92
CA GLN A 408 -47.40 -0.04 -8.44
C GLN A 408 -46.47 0.21 -9.62
N GLU A 409 -47.06 0.56 -10.76
CA GLU A 409 -46.25 0.90 -11.93
C GLU A 409 -45.68 2.27 -11.59
N MET A 410 -44.45 2.53 -12.02
CA MET A 410 -43.82 3.80 -11.70
C MET A 410 -42.84 4.30 -12.75
N LEU A 411 -42.80 5.63 -12.91
CA LEU A 411 -41.91 6.28 -13.87
C LEU A 411 -40.60 6.75 -13.25
N ASN A 412 -39.49 6.42 -13.89
CA ASN A 412 -38.19 6.85 -13.39
C ASN A 412 -37.67 8.01 -14.25
N TYR A 413 -37.23 9.08 -13.60
CA TYR A 413 -36.71 10.25 -14.32
C TYR A 413 -35.98 11.24 -13.40
N VAL A 414 -34.84 11.72 -13.90
CA VAL A 414 -33.97 12.67 -13.19
C VAL A 414 -34.46 14.13 -13.26
N LEU A 415 -34.87 14.68 -12.13
CA LEU A 415 -35.33 16.07 -12.12
C LEU A 415 -34.18 16.94 -11.61
N SER A 416 -34.56 18.04 -10.97
CA SER A 416 -33.61 18.99 -10.40
C SER A 416 -34.34 19.88 -9.40
N PRO A 417 -33.73 20.11 -8.21
CA PRO A 417 -32.43 19.60 -7.74
C PRO A 417 -32.36 18.07 -7.73
N PHE A 418 -31.17 17.53 -7.53
CA PHE A 418 -31.01 16.09 -7.57
C PHE A 418 -29.67 15.65 -6.97
N TYR A 419 -29.63 14.41 -6.44
CA TYR A 419 -28.39 13.84 -5.88
C TYR A 419 -27.78 12.87 -6.86
N TYR A 420 -26.65 13.26 -7.44
CA TYR A 420 -25.98 12.40 -8.41
C TYR A 420 -24.87 11.60 -7.78
N TYR A 421 -24.44 10.56 -8.50
CA TYR A 421 -23.33 9.72 -8.09
C TYR A 421 -22.12 10.45 -8.66
N GLN A 422 -20.94 10.11 -8.18
CA GLN A 422 -19.73 10.75 -8.67
C GLN A 422 -18.73 9.66 -9.07
N ILE A 423 -17.74 10.01 -9.88
CA ILE A 423 -16.74 9.00 -10.23
C ILE A 423 -15.89 8.80 -8.99
N GLU A 424 -15.65 7.54 -8.64
CA GLU A 424 -14.84 7.24 -7.45
C GLU A 424 -13.60 8.14 -7.46
N PRO A 425 -13.53 9.09 -6.51
CA PRO A 425 -12.45 10.05 -6.32
C PRO A 425 -11.01 9.59 -6.51
N TRP A 426 -10.69 8.36 -6.10
CA TRP A 426 -9.32 7.88 -6.25
C TRP A 426 -8.89 7.61 -7.68
N LYS A 427 -9.84 7.65 -8.61
CA LYS A 427 -9.54 7.43 -10.01
C LYS A 427 -9.10 8.74 -10.65
N THR A 428 -9.95 9.76 -10.54
CA THR A 428 -9.66 11.06 -11.12
C THR A 428 -9.11 12.09 -10.12
N HIS A 429 -7.97 11.79 -9.51
CA HIS A 429 -7.36 12.71 -8.56
C HIS A 429 -5.86 12.82 -8.77
N ILE A 430 -5.43 14.03 -9.16
CA ILE A 430 -4.02 14.31 -9.39
C ILE A 430 -3.30 14.49 -8.05
N TRP A 431 -2.53 13.48 -7.67
CA TRP A 431 -1.79 13.50 -6.41
C TRP A 431 -0.72 14.59 -6.34
N GLN A 432 -0.37 14.99 -5.13
CA GLN A 432 0.64 16.02 -4.91
C GLN A 432 1.82 15.40 -4.14
N ASN A 433 1.56 14.28 -3.46
CA ASN A 433 2.57 13.56 -2.69
C ASN A 433 1.98 12.25 -2.15
N GLN B 13 56.29 8.86 3.52
CA GLN B 13 56.66 7.51 3.12
C GLN B 13 55.50 6.53 3.36
N TYR B 14 55.67 5.63 4.32
CA TYR B 14 54.67 4.63 4.66
C TYR B 14 53.90 4.97 5.95
N VAL B 15 53.32 3.95 6.59
CA VAL B 15 52.58 4.08 7.86
C VAL B 15 52.78 2.77 8.59
N ARG B 16 53.37 2.82 9.79
CA ARG B 16 53.57 1.59 10.56
C ARG B 16 52.24 1.05 11.06
N ILE B 17 52.07 -0.26 10.90
CA ILE B 17 50.89 -1.01 11.31
C ILE B 17 51.39 -2.21 12.12
N LYS B 18 50.93 -2.36 13.34
CA LYS B 18 51.40 -3.46 14.20
C LYS B 18 50.37 -4.55 14.49
N ASN B 19 50.85 -5.79 14.52
CA ASN B 19 49.97 -6.92 14.84
C ASN B 19 50.38 -7.36 16.23
N TRP B 20 49.66 -6.86 17.23
CA TRP B 20 49.93 -7.15 18.62
C TRP B 20 50.02 -8.62 18.98
N GLY B 21 49.61 -9.49 18.07
CA GLY B 21 49.68 -10.91 18.33
C GLY B 21 51.07 -11.46 18.12
N SER B 22 51.67 -11.10 16.99
CA SER B 22 53.02 -11.57 16.64
C SER B 22 54.09 -10.47 16.53
N GLY B 23 53.83 -9.29 17.07
CA GLY B 23 54.79 -8.20 17.00
C GLY B 23 55.16 -7.81 15.57
N GLU B 24 54.45 -8.38 14.61
CA GLU B 24 54.67 -8.14 13.19
C GLU B 24 54.40 -6.68 12.80
N ILE B 25 55.34 -6.08 12.08
CA ILE B 25 55.16 -4.71 11.63
C ILE B 25 55.07 -4.68 10.10
N LEU B 26 54.17 -3.85 9.59
CA LEU B 26 53.96 -3.70 8.16
C LEU B 26 53.98 -2.22 7.80
N HIS B 27 54.38 -1.91 6.57
CA HIS B 27 54.44 -0.53 6.11
C HIS B 27 53.46 -0.30 4.96
N ASP B 28 52.40 0.48 5.22
CA ASP B 28 51.40 0.73 4.20
C ASP B 28 51.75 1.91 3.29
N THR B 29 52.02 1.60 2.02
CA THR B 29 52.36 2.60 1.02
C THR B 29 51.17 2.82 0.08
N LEU B 30 50.28 1.82 0.03
CA LEU B 30 49.10 1.85 -0.83
C LEU B 30 48.06 2.90 -0.50
N HIS B 31 47.95 3.27 0.79
CA HIS B 31 46.96 4.27 1.20
C HIS B 31 47.11 5.60 0.47
N HIS B 32 48.25 5.80 -0.19
CA HIS B 32 48.47 7.03 -0.93
C HIS B 32 47.58 7.13 -2.16
N LYS B 33 47.22 5.98 -2.74
CA LYS B 33 46.36 5.98 -3.93
C LYS B 33 44.89 6.17 -3.56
N ALA B 34 44.64 6.54 -2.31
CA ALA B 34 43.28 6.76 -1.79
C ALA B 34 42.54 7.96 -2.39
N THR B 35 41.25 8.07 -2.06
CA THR B 35 40.40 9.18 -2.54
C THR B 35 39.88 10.05 -1.39
N CYS B 45 36.80 8.83 15.03
CA CYS B 45 36.58 10.21 14.58
C CYS B 45 35.34 10.29 13.69
N LEU B 46 34.91 9.12 13.21
CA LEU B 46 33.76 8.94 12.33
C LEU B 46 33.91 7.48 11.91
N GLY B 47 34.10 6.61 12.91
CA GLY B 47 34.32 5.20 12.64
C GLY B 47 33.15 4.24 12.57
N SER B 48 32.34 4.20 13.62
CA SER B 48 31.22 3.25 13.63
C SER B 48 29.94 3.66 12.92
N ILE B 49 30.07 4.34 11.79
CA ILE B 49 28.89 4.75 11.02
C ILE B 49 28.71 3.70 9.93
N MET B 50 27.49 3.20 9.80
CA MET B 50 27.19 2.16 8.82
C MET B 50 27.12 2.63 7.37
N ASN B 51 26.22 3.56 7.09
CA ASN B 51 26.06 4.09 5.75
C ASN B 51 26.52 5.53 5.68
N PRO B 52 27.84 5.76 5.80
CA PRO B 52 28.38 7.12 5.76
C PRO B 52 28.37 7.71 4.35
N LYS B 53 28.37 9.03 4.33
CA LYS B 53 28.39 9.87 3.14
C LYS B 53 29.46 9.41 2.14
N SER B 54 30.67 9.18 2.66
CA SER B 54 31.82 8.77 1.88
C SER B 54 31.79 7.40 1.23
N LEU B 55 30.92 6.52 1.68
CA LEU B 55 30.84 5.17 1.08
C LEU B 55 29.59 5.00 0.24
N THR B 56 28.99 6.11 -0.16
CA THR B 56 27.78 6.08 -0.96
C THR B 56 27.94 6.87 -2.25
N ARG B 57 27.62 6.25 -3.38
CA ARG B 57 27.69 6.93 -4.67
C ARG B 57 26.24 7.07 -5.09
N GLY B 58 25.68 8.25 -4.82
CA GLY B 58 24.29 8.53 -5.12
C GLY B 58 23.91 8.81 -6.55
N PRO B 59 22.61 9.09 -6.79
CA PRO B 59 21.99 9.38 -8.09
C PRO B 59 22.41 10.73 -8.72
N ARG B 60 22.25 10.83 -10.04
CA ARG B 60 22.59 12.04 -10.80
C ARG B 60 21.69 12.16 -12.03
N ASP B 61 21.33 13.39 -12.42
CA ASP B 61 20.48 13.60 -13.59
C ASP B 61 21.20 14.24 -14.79
N LYS B 62 22.52 14.20 -14.76
CA LYS B 62 23.36 14.75 -15.82
C LYS B 62 24.53 13.78 -15.93
N PRO B 63 25.06 13.58 -17.15
CA PRO B 63 26.20 12.68 -17.34
C PRO B 63 27.44 13.22 -16.66
N THR B 64 28.34 12.33 -16.27
CA THR B 64 29.56 12.74 -15.59
C THR B 64 30.48 13.61 -16.47
N PRO B 65 30.76 14.84 -16.03
CA PRO B 65 31.61 15.83 -16.70
C PRO B 65 32.98 15.28 -17.09
N LEU B 66 33.45 15.70 -18.28
CA LEU B 66 34.74 15.26 -18.81
C LEU B 66 35.91 15.49 -17.88
N GLU B 67 36.00 16.70 -17.33
CA GLU B 67 37.07 17.12 -16.43
C GLU B 67 37.21 16.15 -15.25
N GLU B 68 36.08 15.54 -14.89
CA GLU B 68 36.00 14.59 -13.79
C GLU B 68 36.19 13.14 -14.28
N LEU B 69 35.51 12.78 -15.37
CA LEU B 69 35.58 11.44 -15.95
C LEU B 69 36.89 11.01 -16.60
N LEU B 70 37.41 11.86 -17.47
CA LEU B 70 38.65 11.60 -18.19
C LEU B 70 39.89 11.26 -17.36
N PRO B 71 40.19 12.06 -16.31
CA PRO B 71 41.38 11.75 -15.50
C PRO B 71 41.26 10.43 -14.72
N HIS B 72 40.02 10.04 -14.41
CA HIS B 72 39.72 8.78 -13.72
C HIS B 72 39.93 7.62 -14.69
N ALA B 73 39.44 7.81 -15.92
CA ALA B 73 39.53 6.82 -16.97
C ALA B 73 40.98 6.48 -17.32
N ILE B 74 41.83 7.48 -17.42
CA ILE B 74 43.23 7.26 -17.75
C ILE B 74 43.87 6.47 -16.62
N GLU B 75 43.51 6.84 -15.38
CA GLU B 75 44.00 6.18 -14.17
C GLU B 75 43.68 4.68 -14.23
N PHE B 76 42.40 4.37 -14.51
CA PHE B 76 41.99 2.97 -14.59
C PHE B 76 42.76 2.21 -15.66
N ILE B 77 42.80 2.76 -16.87
CA ILE B 77 43.49 2.13 -17.97
C ILE B 77 44.95 1.87 -17.62
N ASN B 78 45.57 2.80 -16.93
CA ASN B 78 46.96 2.65 -16.54
C ASN B 78 47.13 1.52 -15.52
N GLN B 79 46.16 1.38 -14.62
CA GLN B 79 46.16 0.35 -13.59
C GLN B 79 46.02 -1.02 -14.25
N TYR B 80 45.11 -1.08 -15.23
CA TYR B 80 44.85 -2.30 -15.98
C TYR B 80 46.09 -2.81 -16.71
N TYR B 81 46.61 -2.00 -17.63
CA TYR B 81 47.80 -2.40 -18.37
C TYR B 81 49.02 -2.57 -17.46
N GLY B 82 48.93 -2.02 -16.26
CA GLY B 82 50.03 -2.13 -15.32
C GLY B 82 50.08 -3.46 -14.59
N SER B 83 48.94 -4.15 -14.55
CA SER B 83 48.81 -5.43 -13.88
C SER B 83 49.43 -6.63 -14.62
N PHE B 84 49.52 -6.53 -15.95
CA PHE B 84 50.08 -7.60 -16.77
C PHE B 84 51.48 -7.97 -16.32
N LYS B 85 51.75 -9.26 -16.20
CA LYS B 85 53.07 -9.76 -15.79
C LYS B 85 54.04 -9.38 -16.92
N GLU B 86 53.52 -9.44 -18.15
CA GLU B 86 54.24 -9.11 -19.38
C GLU B 86 53.73 -7.77 -19.90
N ALA B 87 54.48 -6.71 -19.60
CA ALA B 87 54.10 -5.36 -20.01
C ALA B 87 53.87 -5.24 -21.52
N LYS B 88 52.73 -4.67 -21.88
CA LYS B 88 52.38 -4.49 -23.29
C LYS B 88 52.37 -2.99 -23.60
N ILE B 89 53.57 -2.39 -23.54
CA ILE B 89 53.79 -0.96 -23.78
C ILE B 89 52.97 -0.46 -24.97
N GLU B 90 53.12 -1.19 -26.07
CA GLU B 90 52.45 -0.91 -27.34
C GLU B 90 50.93 -0.72 -27.20
N GLU B 91 50.23 -1.78 -26.83
CA GLU B 91 48.78 -1.75 -26.72
C GLU B 91 48.22 -0.80 -25.67
N HIS B 92 49.05 -0.53 -24.65
CA HIS B 92 48.68 0.37 -23.56
C HIS B 92 48.41 1.78 -24.11
N LEU B 93 49.39 2.34 -24.83
CA LEU B 93 49.28 3.67 -25.44
C LEU B 93 48.06 3.78 -26.35
N ALA B 94 47.84 2.73 -27.14
CA ALA B 94 46.72 2.68 -28.08
C ALA B 94 45.37 2.82 -27.37
N ARG B 95 45.20 2.09 -26.27
CA ARG B 95 43.97 2.12 -25.50
C ARG B 95 43.78 3.50 -24.84
N LEU B 96 44.85 4.01 -24.24
CA LEU B 96 44.81 5.32 -23.59
C LEU B 96 44.31 6.36 -24.58
N GLU B 97 44.96 6.39 -25.75
CA GLU B 97 44.61 7.30 -26.82
C GLU B 97 43.17 7.10 -27.29
N ALA B 98 42.78 5.84 -27.48
CA ALA B 98 41.43 5.51 -27.92
C ALA B 98 40.36 5.94 -26.92
N VAL B 99 40.59 5.63 -25.64
CA VAL B 99 39.63 5.98 -24.57
C VAL B 99 39.50 7.50 -24.42
N THR B 100 40.62 8.22 -24.54
CA THR B 100 40.63 9.66 -24.44
C THR B 100 39.71 10.25 -25.51
N LYS B 101 39.91 9.83 -26.74
CA LYS B 101 39.11 10.29 -27.88
C LYS B 101 37.66 9.88 -27.74
N GLU B 102 37.42 8.64 -27.31
CA GLU B 102 36.06 8.14 -27.14
C GLU B 102 35.26 8.99 -26.15
N ILE B 103 35.93 9.44 -25.09
CA ILE B 103 35.31 10.28 -24.05
C ILE B 103 35.11 11.73 -24.50
N GLU B 104 36.07 12.25 -25.27
CA GLU B 104 35.97 13.62 -25.77
C GLU B 104 34.86 13.77 -26.81
N THR B 105 34.61 12.69 -27.56
CA THR B 105 33.59 12.67 -28.60
C THR B 105 32.16 12.47 -28.07
N THR B 106 31.93 11.32 -27.43
CA THR B 106 30.62 10.97 -26.89
C THR B 106 30.41 11.33 -25.42
N GLY B 107 31.47 11.70 -24.73
CA GLY B 107 31.35 12.06 -23.32
C GLY B 107 31.24 10.88 -22.37
N THR B 108 31.76 9.73 -22.79
CA THR B 108 31.75 8.49 -22.00
C THR B 108 32.53 7.44 -22.77
N TYR B 109 32.72 6.27 -22.18
CA TYR B 109 33.44 5.23 -22.88
C TYR B 109 32.99 3.84 -22.48
N GLN B 110 33.44 2.86 -23.25
CA GLN B 110 33.09 1.48 -23.01
C GLN B 110 34.33 0.70 -22.67
N LEU B 111 34.18 -0.17 -21.68
CA LEU B 111 35.25 -1.04 -21.21
C LEU B 111 35.31 -2.32 -22.04
N THR B 112 36.49 -2.91 -22.16
CA THR B 112 36.60 -4.18 -22.88
C THR B 112 36.17 -5.20 -21.82
N LEU B 113 35.62 -6.33 -22.24
CA LEU B 113 35.18 -7.37 -21.30
C LEU B 113 36.31 -7.71 -20.31
N ASP B 114 37.52 -7.87 -20.84
CA ASP B 114 38.69 -8.17 -20.03
C ASP B 114 38.88 -7.10 -18.94
N GLU B 115 38.72 -5.83 -19.33
CA GLU B 115 38.85 -4.70 -18.41
C GLU B 115 37.80 -4.78 -17.29
N LEU B 116 36.54 -5.03 -17.66
CA LEU B 116 35.45 -5.16 -16.68
C LEU B 116 35.73 -6.30 -15.71
N ILE B 117 36.09 -7.46 -16.27
CA ILE B 117 36.43 -8.65 -15.47
C ILE B 117 37.51 -8.24 -14.46
N PHE B 118 38.50 -7.51 -14.94
CA PHE B 118 39.57 -7.02 -14.09
C PHE B 118 39.04 -6.06 -13.04
N ALA B 119 38.08 -5.22 -13.44
CA ALA B 119 37.48 -4.23 -12.55
C ALA B 119 36.71 -4.85 -11.40
N THR B 120 35.87 -5.85 -11.71
CA THR B 120 35.04 -6.53 -10.71
C THR B 120 35.89 -7.12 -9.60
N LYS B 121 36.98 -7.77 -9.98
CA LYS B 121 37.90 -8.39 -9.03
C LYS B 121 38.66 -7.38 -8.18
N MET B 122 39.10 -6.29 -8.80
CA MET B 122 39.84 -5.27 -8.05
C MET B 122 38.87 -4.60 -7.08
N ALA B 123 37.67 -4.31 -7.56
CA ALA B 123 36.65 -3.69 -6.73
C ALA B 123 36.40 -4.54 -5.49
N TRP B 124 36.39 -5.85 -5.67
CA TRP B 124 36.18 -6.79 -4.56
C TRP B 124 37.44 -6.73 -3.73
N ARG B 125 38.58 -6.85 -4.41
CA ARG B 125 39.89 -6.80 -3.78
C ARG B 125 40.00 -5.55 -2.89
N ASN B 126 39.29 -4.49 -3.31
CA ASN B 126 39.26 -3.20 -2.62
C ASN B 126 38.08 -2.96 -1.66
N ALA B 127 37.31 -3.99 -1.36
CA ALA B 127 36.19 -3.81 -0.42
C ALA B 127 36.79 -3.97 0.97
N PRO B 128 36.83 -2.89 1.75
CA PRO B 128 37.39 -2.91 3.11
C PRO B 128 36.55 -3.70 4.10
N ARG B 129 35.29 -3.92 3.76
CA ARG B 129 34.41 -4.61 4.67
C ARG B 129 34.28 -6.13 4.48
N CYS B 130 34.88 -6.66 3.41
CA CYS B 130 34.84 -8.09 3.10
C CYS B 130 35.95 -8.94 3.72
N ILE B 131 35.56 -9.96 4.49
CA ILE B 131 36.50 -10.86 5.15
C ILE B 131 37.05 -11.95 4.25
N GLY B 132 36.31 -12.28 3.19
CA GLY B 132 36.74 -13.33 2.30
C GLY B 132 37.51 -12.92 1.07
N ARG B 133 38.15 -11.75 1.12
CA ARG B 133 38.92 -11.25 -0.02
C ARG B 133 40.08 -12.09 -0.53
N ILE B 134 40.47 -13.14 0.17
CA ILE B 134 41.54 -13.99 -0.32
C ILE B 134 41.13 -14.64 -1.66
N GLN B 135 39.83 -14.80 -1.85
CA GLN B 135 39.23 -15.39 -3.04
C GLN B 135 39.01 -14.38 -4.16
N TRP B 136 39.43 -13.14 -3.94
CA TRP B 136 39.22 -12.06 -4.90
C TRP B 136 39.44 -12.33 -6.39
N SER B 137 40.46 -13.09 -6.72
CA SER B 137 40.77 -13.40 -8.12
C SER B 137 39.89 -14.51 -8.71
N ASN B 138 39.25 -15.29 -7.85
CA ASN B 138 38.39 -16.37 -8.25
C ASN B 138 36.93 -15.89 -8.27
N LEU B 139 36.56 -15.18 -9.33
CA LEU B 139 35.20 -14.68 -9.45
C LEU B 139 34.68 -14.76 -10.88
N GLN B 140 33.49 -15.33 -11.03
CA GLN B 140 32.85 -15.49 -12.33
C GLN B 140 32.12 -14.19 -12.70
N VAL B 141 32.29 -13.74 -13.94
CA VAL B 141 31.66 -12.50 -14.37
C VAL B 141 30.60 -12.69 -15.45
N PHE B 142 29.38 -12.21 -15.19
CA PHE B 142 28.31 -12.30 -16.18
C PHE B 142 28.07 -10.92 -16.78
N ASP B 143 28.55 -10.75 -18.01
CA ASP B 143 28.44 -9.51 -18.78
C ASP B 143 27.04 -9.34 -19.34
N ALA B 144 26.22 -8.56 -18.65
CA ALA B 144 24.85 -8.33 -19.10
C ALA B 144 24.66 -6.87 -19.48
N ARG B 145 25.71 -6.28 -20.05
CA ARG B 145 25.64 -4.89 -20.47
C ARG B 145 24.67 -4.69 -21.65
N ASN B 146 24.41 -5.75 -22.41
CA ASN B 146 23.50 -5.69 -23.54
C ASN B 146 22.05 -5.66 -23.09
N CYS B 147 21.79 -6.12 -21.87
CA CYS B 147 20.44 -6.15 -21.30
C CYS B 147 19.70 -4.83 -21.51
N SER B 148 18.37 -4.89 -21.60
CA SER B 148 17.59 -3.67 -21.79
C SER B 148 16.15 -3.69 -21.26
N THR B 149 15.75 -4.77 -20.59
CA THR B 149 14.41 -4.86 -20.02
C THR B 149 14.41 -5.62 -18.70
N ALA B 150 13.33 -5.47 -17.95
CA ALA B 150 13.17 -6.15 -16.67
C ALA B 150 13.10 -7.67 -16.83
N GLN B 151 12.30 -8.14 -17.79
CA GLN B 151 12.15 -9.58 -18.06
C GLN B 151 13.50 -10.20 -18.46
N GLU B 152 14.38 -9.38 -19.06
CA GLU B 152 15.70 -9.85 -19.46
C GLU B 152 16.59 -9.87 -18.21
N MET B 153 16.41 -8.84 -17.40
CA MET B 153 17.15 -8.68 -16.15
C MET B 153 16.84 -9.88 -15.25
N PHE B 154 15.55 -10.16 -15.09
CA PHE B 154 15.08 -11.28 -14.29
C PHE B 154 15.67 -12.59 -14.81
N GLN B 155 15.94 -12.65 -16.11
CA GLN B 155 16.51 -13.85 -16.69
C GLN B 155 17.99 -13.95 -16.38
N HIS B 156 18.65 -12.81 -16.29
CA HIS B 156 20.07 -12.80 -15.98
C HIS B 156 20.31 -13.15 -14.53
N ILE B 157 19.43 -12.65 -13.67
CA ILE B 157 19.53 -12.94 -12.25
C ILE B 157 19.31 -14.42 -11.99
N CYS B 158 18.33 -15.02 -12.66
CA CYS B 158 18.07 -16.45 -12.51
C CYS B 158 19.29 -17.25 -12.97
N ARG B 159 19.92 -16.80 -14.04
CA ARG B 159 21.09 -17.49 -14.57
C ARG B 159 22.20 -17.40 -13.52
N HIS B 160 22.22 -16.28 -12.80
CA HIS B 160 23.21 -16.05 -11.78
C HIS B 160 22.97 -16.98 -10.59
N ILE B 161 21.81 -16.83 -9.95
CA ILE B 161 21.45 -17.65 -8.81
C ILE B 161 21.77 -19.11 -9.13
N LEU B 162 21.28 -19.58 -10.28
CA LEU B 162 21.52 -20.95 -10.70
C LEU B 162 22.99 -21.31 -10.80
N TYR B 163 23.80 -20.46 -11.41
CA TYR B 163 25.23 -20.74 -11.54
C TYR B 163 25.93 -20.70 -10.17
N ALA B 164 25.65 -19.65 -9.41
CA ALA B 164 26.25 -19.46 -8.11
C ALA B 164 25.89 -20.53 -7.10
N THR B 165 24.63 -20.98 -7.10
CA THR B 165 24.19 -22.00 -6.14
C THR B 165 24.87 -23.34 -6.36
N ASN B 166 24.96 -23.75 -7.62
CA ASN B 166 25.61 -24.98 -8.04
C ASN B 166 25.36 -26.21 -7.16
N ASN B 167 24.10 -26.40 -6.80
CA ASN B 167 23.70 -27.53 -5.98
C ASN B 167 24.45 -27.64 -4.65
N GLY B 168 24.69 -26.49 -4.01
CA GLY B 168 25.38 -26.50 -2.74
C GLY B 168 26.87 -26.22 -2.82
N ASN B 169 27.51 -26.52 -3.95
CA ASN B 169 28.95 -26.22 -4.08
C ASN B 169 28.99 -24.77 -4.59
N ILE B 170 28.80 -23.84 -3.67
CA ILE B 170 28.76 -22.41 -3.98
C ILE B 170 29.92 -21.83 -4.79
N ARG B 171 29.54 -20.96 -5.73
CA ARG B 171 30.49 -20.29 -6.60
C ARG B 171 30.26 -18.77 -6.61
N SER B 172 31.36 -18.03 -6.46
CA SER B 172 31.31 -16.58 -6.47
C SER B 172 31.15 -16.11 -7.92
N ALA B 173 30.20 -15.21 -8.12
CA ALA B 173 29.92 -14.67 -9.43
C ALA B 173 29.27 -13.30 -9.27
N ILE B 174 29.25 -12.55 -10.37
CA ILE B 174 28.65 -11.22 -10.41
C ILE B 174 28.06 -10.96 -11.80
N THR B 175 26.89 -10.33 -11.81
CA THR B 175 26.23 -9.99 -13.06
C THR B 175 26.24 -8.46 -13.20
N VAL B 176 27.01 -7.98 -14.18
CA VAL B 176 27.14 -6.56 -14.46
C VAL B 176 26.11 -6.09 -15.48
N PHE B 177 25.28 -5.12 -15.09
CA PHE B 177 24.26 -4.54 -15.97
C PHE B 177 24.76 -3.20 -16.55
N PRO B 178 24.10 -2.69 -17.62
CA PRO B 178 24.51 -1.41 -18.24
C PRO B 178 24.83 -0.24 -17.32
N GLN B 179 25.98 0.36 -17.56
CA GLN B 179 26.45 1.52 -16.80
C GLN B 179 25.50 2.72 -16.87
N ARG B 180 25.51 3.51 -15.81
CA ARG B 180 24.69 4.70 -15.77
C ARG B 180 25.24 5.64 -16.84
N SER B 181 24.35 6.08 -17.73
CA SER B 181 24.71 7.00 -18.80
C SER B 181 24.37 8.42 -18.36
N ASP B 182 23.12 8.81 -18.51
CA ASP B 182 22.67 10.14 -18.14
C ASP B 182 22.18 10.24 -16.69
N GLY B 183 21.83 9.11 -16.10
CA GLY B 183 21.35 9.13 -14.73
C GLY B 183 19.84 8.95 -14.62
N LYS B 184 19.13 9.18 -15.71
CA LYS B 184 17.68 9.02 -15.73
C LYS B 184 17.31 7.66 -16.31
N HIS B 185 18.34 6.91 -16.72
CA HIS B 185 18.18 5.58 -17.31
C HIS B 185 18.98 4.55 -16.50
N ASP B 186 18.78 4.57 -15.19
CA ASP B 186 19.47 3.66 -14.26
C ASP B 186 18.90 2.24 -14.11
N PHE B 187 19.77 1.24 -14.23
CA PHE B 187 19.37 -0.14 -14.02
C PHE B 187 19.57 -0.34 -12.52
N ARG B 188 18.53 -0.77 -11.81
CA ARG B 188 18.64 -0.94 -10.37
C ARG B 188 17.83 -2.08 -9.79
N LEU B 189 18.46 -2.89 -8.94
CA LEU B 189 17.76 -3.97 -8.26
C LEU B 189 17.31 -3.34 -6.95
N TRP B 190 16.01 -3.40 -6.67
CA TRP B 190 15.50 -2.81 -5.44
C TRP B 190 15.75 -3.64 -4.19
N ASN B 191 15.98 -4.94 -4.37
CA ASN B 191 16.24 -5.82 -3.24
C ASN B 191 17.60 -5.50 -2.61
N SER B 192 17.77 -5.93 -1.36
CA SER B 192 19.04 -5.73 -0.66
C SER B 192 19.96 -6.87 -1.10
N GLN B 193 19.39 -8.07 -1.16
CA GLN B 193 20.10 -9.29 -1.58
C GLN B 193 19.15 -10.05 -2.51
N LEU B 194 19.71 -10.92 -3.35
CA LEU B 194 18.90 -11.71 -4.27
C LEU B 194 17.89 -12.58 -3.51
N ILE B 195 18.34 -13.47 -2.64
CA ILE B 195 17.43 -14.27 -1.82
C ILE B 195 17.32 -13.49 -0.51
N ARG B 196 16.14 -13.49 0.12
CA ARG B 196 15.95 -12.71 1.34
C ARG B 196 14.53 -12.95 1.82
N TYR B 197 14.36 -13.40 3.07
CA TYR B 197 13.03 -13.66 3.63
C TYR B 197 12.22 -12.42 3.92
N ALA B 198 10.91 -12.54 3.83
CA ALA B 198 9.98 -11.44 4.07
C ALA B 198 9.61 -11.33 5.55
N GLY B 199 9.17 -10.14 5.95
CA GLY B 199 8.77 -9.90 7.31
C GLY B 199 7.49 -9.08 7.40
N TYR B 200 6.54 -9.54 8.20
CA TYR B 200 5.25 -8.88 8.35
C TYR B 200 4.95 -8.39 9.76
N GLN B 201 4.41 -7.18 9.85
CA GLN B 201 4.04 -6.54 11.12
C GLN B 201 2.66 -7.07 11.49
N MET B 202 2.59 -8.36 11.76
CA MET B 202 1.37 -9.08 12.12
C MET B 202 0.28 -8.31 12.89
N PRO B 203 -0.98 -8.77 12.77
CA PRO B 203 -2.18 -8.20 13.41
C PRO B 203 -2.03 -8.10 14.94
N ASP B 204 -1.59 -9.21 15.54
CA ASP B 204 -1.39 -9.33 16.98
C ASP B 204 -0.22 -8.54 17.61
N GLY B 205 0.25 -7.50 16.91
CA GLY B 205 1.34 -6.67 17.40
C GLY B 205 2.75 -7.21 17.11
N THR B 206 2.85 -8.53 17.12
CA THR B 206 4.12 -9.24 16.88
C THR B 206 4.62 -9.11 15.44
N ILE B 207 5.89 -9.44 15.26
CA ILE B 207 6.54 -9.40 13.94
C ILE B 207 6.83 -10.84 13.55
N ARG B 208 6.65 -11.16 12.27
CA ARG B 208 6.92 -12.51 11.81
C ARG B 208 7.88 -12.49 10.63
N GLY B 209 8.82 -13.43 10.64
CA GLY B 209 9.83 -13.53 9.59
C GLY B 209 11.07 -12.71 9.90
N ASP B 210 11.59 -12.05 8.87
CA ASP B 210 12.77 -11.21 9.04
C ASP B 210 12.31 -9.78 9.32
N ALA B 211 12.45 -9.36 10.57
CA ALA B 211 12.04 -8.01 10.95
C ALA B 211 12.83 -6.91 10.27
N ALA B 212 13.95 -7.25 9.65
CA ALA B 212 14.78 -6.25 8.98
C ALA B 212 14.19 -5.79 7.65
N THR B 213 13.52 -6.71 6.96
CA THR B 213 12.88 -6.44 5.67
C THR B 213 11.38 -6.13 5.81
N LEU B 214 10.97 -5.63 6.98
CA LEU B 214 9.57 -5.28 7.24
C LEU B 214 9.06 -4.23 6.24
N GLU B 215 9.88 -3.20 6.04
CA GLU B 215 9.58 -2.10 5.16
C GLU B 215 9.50 -2.51 3.68
N PHE B 216 10.54 -3.15 3.19
CA PHE B 216 10.61 -3.58 1.79
C PHE B 216 9.49 -4.58 1.46
N THR B 217 9.10 -5.40 2.43
CA THR B 217 8.04 -6.38 2.23
C THR B 217 6.77 -5.65 1.85
N GLN B 218 6.46 -4.59 2.60
CA GLN B 218 5.29 -3.77 2.35
C GLN B 218 5.31 -3.30 0.90
N LEU B 219 6.46 -2.79 0.46
CA LEU B 219 6.61 -2.31 -0.90
C LEU B 219 6.21 -3.37 -1.91
N CYS B 220 6.68 -4.60 -1.72
CA CYS B 220 6.35 -5.69 -2.62
C CYS B 220 4.86 -5.94 -2.66
N ILE B 221 4.20 -5.83 -1.51
CA ILE B 221 2.76 -6.02 -1.40
C ILE B 221 2.04 -4.92 -2.18
N ASP B 222 2.56 -3.70 -2.08
CA ASP B 222 2.00 -2.54 -2.78
C ASP B 222 2.05 -2.78 -4.29
N LEU B 223 3.20 -3.22 -4.78
CA LEU B 223 3.37 -3.49 -6.21
C LEU B 223 2.69 -4.79 -6.62
N GLY B 224 1.73 -5.23 -5.81
CA GLY B 224 0.98 -6.45 -6.10
C GLY B 224 1.69 -7.78 -5.96
N TRP B 225 2.05 -8.13 -4.74
CA TRP B 225 2.72 -9.41 -4.49
C TRP B 225 1.88 -10.13 -3.46
N LYS B 226 1.71 -11.44 -3.63
CA LYS B 226 0.92 -12.25 -2.72
C LYS B 226 1.70 -12.66 -1.47
N PRO B 227 1.47 -11.98 -0.32
CA PRO B 227 2.19 -12.33 0.90
C PRO B 227 1.69 -13.66 1.47
N ARG B 228 2.58 -14.65 1.57
CA ARG B 228 2.20 -15.96 2.11
C ARG B 228 2.22 -16.05 3.65
N TYR B 229 2.44 -14.90 4.29
CA TYR B 229 2.50 -14.78 5.75
C TYR B 229 3.19 -15.94 6.48
N GLY B 230 4.51 -16.03 6.32
CA GLY B 230 5.27 -17.09 6.96
C GLY B 230 6.59 -16.60 7.51
N ARG B 231 7.30 -17.49 8.21
CA ARG B 231 8.59 -17.13 8.80
C ARG B 231 9.71 -17.09 7.78
N PHE B 232 9.57 -17.84 6.70
CA PHE B 232 10.59 -17.88 5.67
C PHE B 232 10.06 -17.81 4.24
N ASP B 233 9.39 -16.72 3.91
CA ASP B 233 8.87 -16.54 2.55
C ASP B 233 9.88 -15.76 1.72
N VAL B 234 10.46 -16.43 0.73
CA VAL B 234 11.44 -15.79 -0.15
C VAL B 234 10.80 -14.58 -0.80
N LEU B 235 11.49 -13.45 -0.72
CA LEU B 235 10.99 -12.21 -1.31
C LEU B 235 11.14 -12.20 -2.82
N PRO B 236 10.27 -11.47 -3.50
CA PRO B 236 10.27 -11.34 -4.96
C PRO B 236 11.31 -10.36 -5.47
N LEU B 237 11.90 -10.64 -6.63
CA LEU B 237 12.86 -9.70 -7.21
C LEU B 237 12.08 -8.48 -7.67
N VAL B 238 12.56 -7.30 -7.34
CA VAL B 238 11.91 -6.06 -7.76
C VAL B 238 12.92 -5.38 -8.65
N LEU B 239 12.72 -5.52 -9.96
CA LEU B 239 13.64 -4.96 -10.94
C LEU B 239 13.23 -3.69 -11.69
N GLN B 240 14.18 -2.79 -11.84
CA GLN B 240 14.01 -1.52 -12.55
C GLN B 240 15.01 -1.53 -13.71
N ALA B 241 14.51 -1.47 -14.94
CA ALA B 241 15.40 -1.46 -16.10
C ALA B 241 15.45 -0.12 -16.82
N ASP B 242 16.59 0.20 -17.44
CA ASP B 242 16.79 1.44 -18.18
C ASP B 242 15.99 2.65 -17.67
N GLY B 243 16.13 2.94 -16.38
CA GLY B 243 15.44 4.06 -15.77
C GLY B 243 13.92 3.94 -15.61
N GLN B 244 13.34 2.90 -16.21
CA GLN B 244 11.89 2.68 -16.16
C GLN B 244 11.36 2.39 -14.75
N ASP B 245 10.15 1.82 -14.68
CA ASP B 245 9.54 1.49 -13.40
C ASP B 245 9.87 0.09 -12.96
N PRO B 246 9.80 -0.16 -11.64
CA PRO B 246 10.10 -1.47 -11.05
C PRO B 246 9.03 -2.53 -11.29
N GLU B 247 9.48 -3.68 -11.79
CA GLU B 247 8.61 -4.82 -12.07
C GLU B 247 8.90 -5.95 -11.09
N VAL B 248 7.84 -6.62 -10.64
CA VAL B 248 7.98 -7.70 -9.68
C VAL B 248 8.05 -9.07 -10.35
N PHE B 249 8.98 -9.90 -9.87
CA PHE B 249 9.17 -11.26 -10.39
C PHE B 249 9.44 -12.19 -9.23
N GLU B 250 8.61 -13.23 -9.07
CA GLU B 250 8.84 -14.18 -8.00
C GLU B 250 9.97 -15.11 -8.42
N ILE B 251 10.89 -15.36 -7.50
CA ILE B 251 12.03 -16.22 -7.79
C ILE B 251 11.64 -17.69 -7.86
N PRO B 252 11.85 -18.32 -9.03
CA PRO B 252 11.53 -19.74 -9.26
C PRO B 252 12.05 -20.62 -8.12
N PRO B 253 11.14 -21.08 -7.24
CA PRO B 253 11.46 -21.91 -6.08
C PRO B 253 12.54 -22.97 -6.26
N ASP B 254 12.63 -23.58 -7.44
CA ASP B 254 13.66 -24.60 -7.67
C ASP B 254 15.08 -24.03 -7.63
N LEU B 255 15.18 -22.70 -7.71
CA LEU B 255 16.47 -22.00 -7.72
C LEU B 255 16.96 -21.61 -6.35
N VAL B 256 16.05 -21.44 -5.41
CA VAL B 256 16.40 -21.07 -4.05
C VAL B 256 16.74 -22.28 -3.15
N LEU B 257 18.03 -22.58 -3.01
CA LEU B 257 18.48 -23.70 -2.17
C LEU B 257 18.49 -23.31 -0.72
N GLU B 258 17.85 -24.12 0.12
CA GLU B 258 17.80 -23.85 1.56
C GLU B 258 18.41 -24.95 2.40
N VAL B 259 18.88 -24.56 3.58
CA VAL B 259 19.47 -25.49 4.55
C VAL B 259 18.57 -25.49 5.79
N THR B 260 18.15 -26.68 6.19
CA THR B 260 17.29 -26.87 7.37
C THR B 260 18.17 -26.95 8.62
N MET B 261 17.89 -26.11 9.61
CA MET B 261 18.68 -26.09 10.84
C MET B 261 18.51 -27.33 11.71
N GLU B 262 19.62 -27.87 12.17
CA GLU B 262 19.61 -29.09 12.95
C GLU B 262 20.89 -29.23 13.76
N HIS B 263 20.76 -29.29 15.09
CA HIS B 263 21.90 -29.44 15.98
C HIS B 263 22.33 -30.91 16.06
N PRO B 264 23.65 -31.17 16.09
CA PRO B 264 24.15 -32.55 16.14
C PRO B 264 24.00 -33.28 17.48
N LYS B 265 23.51 -32.60 18.51
CA LYS B 265 23.35 -33.22 19.81
C LYS B 265 21.95 -32.96 20.33
N TYR B 266 21.46 -31.74 20.14
CA TYR B 266 20.13 -31.35 20.59
C TYR B 266 19.07 -31.72 19.56
N GLU B 267 18.38 -32.83 19.77
CA GLU B 267 17.34 -33.25 18.83
C GLU B 267 16.17 -32.28 18.83
N TRP B 268 16.10 -31.44 19.86
CA TRP B 268 15.02 -30.46 19.93
C TRP B 268 15.30 -29.24 19.05
N PHE B 269 16.49 -29.18 18.44
CA PHE B 269 16.82 -28.04 17.59
C PHE B 269 15.95 -28.03 16.34
N GLN B 270 15.82 -29.18 15.69
CA GLN B 270 14.99 -29.27 14.48
C GLN B 270 13.56 -28.84 14.80
N GLU B 271 13.12 -29.10 16.03
CA GLU B 271 11.78 -28.71 16.46
C GLU B 271 11.55 -27.21 16.40
N LEU B 272 12.62 -26.45 16.22
CA LEU B 272 12.51 -24.99 16.14
C LEU B 272 11.99 -24.57 14.76
N GLY B 273 12.17 -25.45 13.79
CA GLY B 273 11.72 -25.20 12.43
C GLY B 273 12.43 -24.04 11.74
N LEU B 274 13.73 -23.96 11.98
CA LEU B 274 14.57 -22.92 11.40
C LEU B 274 15.24 -23.40 10.13
N LYS B 275 15.63 -22.44 9.29
CA LYS B 275 16.32 -22.72 8.05
C LYS B 275 16.81 -21.41 7.43
N TRP B 276 17.73 -21.52 6.48
CA TRP B 276 18.27 -20.34 5.83
C TRP B 276 18.71 -20.67 4.42
N TYR B 277 18.75 -19.63 3.57
CA TYR B 277 19.20 -19.77 2.20
C TYR B 277 20.71 -19.90 2.15
N ALA B 278 21.19 -20.64 1.17
CA ALA B 278 22.61 -20.89 0.99
C ALA B 278 23.31 -19.85 0.12
N LEU B 279 22.58 -18.87 -0.39
CA LEU B 279 23.19 -17.89 -1.28
C LEU B 279 23.18 -16.45 -0.79
N PRO B 280 24.34 -15.99 -0.29
CA PRO B 280 24.50 -14.61 0.20
C PRO B 280 24.88 -13.80 -1.04
N ALA B 281 23.92 -13.05 -1.55
CA ALA B 281 24.15 -12.29 -2.77
C ALA B 281 23.72 -10.84 -2.64
N VAL B 282 24.69 -9.93 -2.52
CA VAL B 282 24.38 -8.52 -2.39
C VAL B 282 23.84 -7.99 -3.71
N ALA B 283 22.73 -7.27 -3.64
CA ALA B 283 22.09 -6.79 -4.85
C ALA B 283 21.98 -5.30 -5.14
N ASN B 284 22.13 -4.46 -4.12
CA ASN B 284 21.96 -3.03 -4.30
C ASN B 284 23.20 -2.15 -4.27
N MET B 285 24.35 -2.69 -4.60
CA MET B 285 25.54 -1.87 -4.57
C MET B 285 25.99 -1.43 -5.94
N LEU B 286 26.62 -0.27 -6.00
CA LEU B 286 27.10 0.28 -7.24
C LEU B 286 28.57 -0.03 -7.49
N LEU B 287 28.90 -0.32 -8.73
CA LEU B 287 30.29 -0.57 -9.08
C LEU B 287 30.85 0.65 -9.81
N GLU B 288 31.89 1.25 -9.22
CA GLU B 288 32.54 2.40 -9.83
C GLU B 288 33.88 1.90 -10.35
N VAL B 289 34.18 2.28 -11.58
CA VAL B 289 35.43 1.86 -12.21
C VAL B 289 35.79 2.91 -13.25
N GLY B 290 37.00 3.43 -13.10
CA GLY B 290 37.51 4.45 -14.01
C GLY B 290 36.53 5.56 -14.33
N GLY B 291 35.70 5.94 -13.36
CA GLY B 291 34.75 7.00 -13.60
C GLY B 291 33.39 6.54 -14.05
N LEU B 292 33.28 5.31 -14.57
CA LEU B 292 31.99 4.78 -15.00
C LEU B 292 31.24 4.24 -13.78
N GLU B 293 29.92 4.25 -13.82
CA GLU B 293 29.13 3.75 -12.69
C GLU B 293 28.08 2.72 -13.12
N PHE B 294 28.11 1.55 -12.47
CA PHE B 294 27.16 0.47 -12.73
C PHE B 294 26.26 0.35 -11.50
N PRO B 295 25.07 0.97 -11.56
CA PRO B 295 24.08 0.97 -10.47
C PRO B 295 23.50 -0.40 -10.16
N ALA B 296 23.64 -1.33 -11.09
CA ALA B 296 23.11 -2.67 -10.91
C ALA B 296 24.21 -3.67 -11.22
N CYS B 297 24.58 -4.47 -10.23
CA CYS B 297 25.63 -5.44 -10.42
C CYS B 297 25.67 -6.35 -9.21
N PRO B 298 24.67 -7.24 -9.09
CA PRO B 298 24.61 -8.16 -7.96
C PRO B 298 25.78 -9.16 -7.96
N PHE B 299 26.28 -9.45 -6.77
CA PHE B 299 27.38 -10.40 -6.60
C PHE B 299 27.16 -11.29 -5.37
N ASN B 300 27.93 -12.37 -5.30
CA ASN B 300 27.82 -13.29 -4.19
C ASN B 300 29.10 -14.08 -3.98
N GLY B 301 29.17 -14.68 -2.79
CA GLY B 301 30.26 -15.56 -2.43
C GLY B 301 29.54 -16.58 -1.57
N TRP B 302 30.23 -17.22 -0.64
CA TRP B 302 29.57 -18.18 0.25
C TRP B 302 29.47 -17.63 1.66
N TYR B 303 28.52 -18.14 2.43
CA TYR B 303 28.30 -17.69 3.81
C TYR B 303 29.43 -17.97 4.79
N MET B 304 29.55 -17.10 5.79
CA MET B 304 30.51 -17.28 6.88
C MET B 304 29.64 -17.54 8.07
N GLY B 305 29.73 -18.76 8.60
CA GLY B 305 28.93 -19.21 9.74
C GLY B 305 28.18 -18.23 10.62
N THR B 306 28.92 -17.33 11.25
CA THR B 306 28.33 -16.36 12.17
C THR B 306 27.28 -15.45 11.58
N GLU B 307 27.30 -15.29 10.26
CA GLU B 307 26.34 -14.43 9.58
C GLU B 307 24.92 -14.90 9.84
N ILE B 308 24.69 -16.19 9.66
CA ILE B 308 23.40 -16.78 9.91
C ILE B 308 23.27 -17.03 11.42
N GLY B 309 24.25 -17.73 11.98
CA GLY B 309 24.21 -18.05 13.40
C GLY B 309 24.16 -16.93 14.42
N VAL B 310 24.89 -15.85 14.17
CA VAL B 310 24.91 -14.74 15.13
C VAL B 310 24.03 -13.55 14.79
N ARG B 311 24.19 -13.02 13.57
CA ARG B 311 23.42 -11.86 13.13
C ARG B 311 21.97 -12.14 12.77
N ASP B 312 21.76 -12.97 11.75
CA ASP B 312 20.41 -13.32 11.29
C ASP B 312 19.50 -13.93 12.35
N PHE B 313 20.01 -14.93 13.08
CA PHE B 313 19.24 -15.58 14.13
C PHE B 313 19.21 -14.87 15.49
N CYS B 314 20.31 -14.25 15.90
CA CYS B 314 20.33 -13.65 17.23
C CYS B 314 20.12 -12.16 17.47
N ASP B 315 20.29 -11.33 16.44
CA ASP B 315 20.07 -9.89 16.62
C ASP B 315 18.66 -9.66 17.11
N THR B 316 18.49 -8.76 18.06
CA THR B 316 17.15 -8.45 18.59
C THR B 316 16.25 -7.95 17.45
N GLN B 317 16.88 -7.29 16.48
CA GLN B 317 16.20 -6.72 15.31
C GLN B 317 15.94 -7.71 14.17
N ARG B 318 16.45 -8.93 14.28
CA ARG B 318 16.24 -9.93 13.23
C ARG B 318 15.34 -11.02 13.80
N TYR B 319 15.72 -12.28 13.61
CA TYR B 319 14.93 -13.41 14.10
C TYR B 319 14.90 -13.61 15.60
N ASN B 320 15.80 -12.92 16.31
CA ASN B 320 15.88 -12.98 17.77
C ASN B 320 15.46 -14.30 18.43
N ILE B 321 16.20 -15.38 18.20
CA ILE B 321 15.87 -16.68 18.78
C ILE B 321 16.72 -17.03 20.00
N LEU B 322 17.60 -16.11 20.41
CA LEU B 322 18.51 -16.37 21.51
C LEU B 322 17.90 -16.82 22.83
N GLU B 323 16.86 -16.13 23.31
CA GLU B 323 16.25 -16.55 24.56
C GLU B 323 15.54 -17.90 24.44
N GLU B 324 14.84 -18.09 23.32
CA GLU B 324 14.11 -19.32 23.08
C GLU B 324 15.06 -20.51 23.11
N VAL B 325 16.26 -20.31 22.55
CA VAL B 325 17.26 -21.38 22.53
C VAL B 325 17.90 -21.57 23.89
N GLY B 326 18.10 -20.48 24.61
CA GLY B 326 18.70 -20.56 25.93
C GLY B 326 17.72 -21.18 26.92
N ARG B 327 16.45 -20.83 26.77
CA ARG B 327 15.40 -21.32 27.67
C ARG B 327 15.31 -22.84 27.62
N ARG B 328 15.26 -23.42 26.43
CA ARG B 328 15.15 -24.86 26.34
C ARG B 328 16.50 -25.57 26.22
N MET B 329 17.51 -24.95 26.81
CA MET B 329 18.86 -25.51 26.85
C MET B 329 19.16 -25.78 28.33
N GLY B 330 18.22 -25.38 29.20
CA GLY B 330 18.34 -25.58 30.63
C GLY B 330 19.03 -24.45 31.38
N LEU B 331 19.57 -23.50 30.62
CA LEU B 331 20.29 -22.36 31.17
C LEU B 331 19.37 -21.39 31.92
N GLU B 332 19.96 -20.59 32.79
CA GLU B 332 19.20 -19.62 33.57
C GLU B 332 19.16 -18.27 32.86
N THR B 333 18.20 -18.15 31.95
CA THR B 333 18.02 -16.95 31.15
C THR B 333 17.51 -15.72 31.88
N HIS B 334 17.42 -15.81 33.20
CA HIS B 334 16.94 -14.71 34.03
C HIS B 334 18.10 -13.88 34.63
N THR B 335 19.29 -14.46 34.67
CA THR B 335 20.45 -13.77 35.21
C THR B 335 21.58 -13.66 34.19
N LEU B 336 21.84 -12.43 33.78
CA LEU B 336 22.84 -12.11 32.78
C LEU B 336 24.24 -12.62 33.13
N ALA B 337 24.62 -12.45 34.39
CA ALA B 337 25.94 -12.88 34.83
C ALA B 337 26.22 -14.36 34.54
N SER B 338 25.20 -15.14 34.25
CA SER B 338 25.40 -16.57 34.00
C SER B 338 26.07 -16.88 32.66
N LEU B 339 26.17 -15.85 31.80
CA LEU B 339 26.77 -16.00 30.47
C LEU B 339 25.99 -16.98 29.58
N TRP B 340 24.70 -17.12 29.85
CA TRP B 340 23.84 -18.03 29.11
C TRP B 340 23.77 -17.63 27.64
N LYS B 341 23.80 -16.32 27.38
CA LYS B 341 23.76 -15.85 25.99
C LYS B 341 25.01 -16.36 25.25
N ASP B 342 26.18 -16.31 25.92
CA ASP B 342 27.41 -16.79 25.31
C ASP B 342 27.34 -18.29 24.99
N ARG B 343 26.71 -19.06 25.87
CA ARG B 343 26.56 -20.51 25.68
C ARG B 343 25.62 -20.86 24.53
N ALA B 344 24.48 -20.15 24.48
CA ALA B 344 23.46 -20.35 23.45
C ALA B 344 23.95 -20.06 22.04
N VAL B 345 24.37 -18.81 21.82
CA VAL B 345 24.84 -18.37 20.52
C VAL B 345 25.88 -19.31 19.94
N THR B 346 26.73 -19.87 20.80
CA THR B 346 27.75 -20.79 20.32
C THR B 346 27.07 -22.06 19.77
N GLU B 347 26.11 -22.57 20.54
CA GLU B 347 25.39 -23.76 20.14
C GLU B 347 24.62 -23.52 18.82
N ILE B 348 24.12 -22.30 18.65
CA ILE B 348 23.41 -21.95 17.44
C ILE B 348 24.41 -21.97 16.26
N ASN B 349 25.58 -21.36 16.45
CA ASN B 349 26.62 -21.35 15.42
C ASN B 349 26.98 -22.77 15.03
N VAL B 350 27.13 -23.63 16.04
CA VAL B 350 27.48 -25.02 15.80
C VAL B 350 26.43 -25.67 14.92
N ALA B 351 25.15 -25.42 15.23
CA ALA B 351 24.02 -25.94 14.47
C ALA B 351 24.09 -25.51 12.99
N VAL B 352 24.34 -24.21 12.76
CA VAL B 352 24.44 -23.66 11.43
C VAL B 352 25.56 -24.37 10.67
N LEU B 353 26.75 -24.37 11.26
CA LEU B 353 27.90 -25.01 10.64
C LEU B 353 27.65 -26.47 10.33
N HIS B 354 27.00 -27.14 11.28
CA HIS B 354 26.70 -28.55 11.14
C HIS B 354 25.73 -28.80 9.99
N SER B 355 24.59 -28.09 10.03
CA SER B 355 23.56 -28.19 9.01
C SER B 355 24.08 -27.97 7.59
N PHE B 356 24.88 -26.93 7.39
CA PHE B 356 25.43 -26.67 6.06
C PHE B 356 26.40 -27.77 5.65
N GLN B 357 27.20 -28.26 6.58
CA GLN B 357 28.18 -29.31 6.28
C GLN B 357 27.51 -30.63 5.91
N LYS B 358 26.37 -30.88 6.55
CA LYS B 358 25.61 -32.10 6.33
C LYS B 358 24.92 -32.11 4.98
N GLN B 359 24.16 -31.05 4.71
CA GLN B 359 23.42 -30.95 3.47
C GLN B 359 24.29 -30.55 2.28
N ASN B 360 25.60 -30.72 2.45
CA ASN B 360 26.59 -30.44 1.42
C ASN B 360 26.63 -29.04 0.80
N VAL B 361 26.36 -28.02 1.61
CA VAL B 361 26.40 -26.63 1.16
C VAL B 361 27.65 -25.95 1.69
N THR B 362 28.32 -25.18 0.84
CA THR B 362 29.54 -24.49 1.24
C THR B 362 29.29 -23.48 2.35
N ILE B 363 30.22 -23.42 3.28
CA ILE B 363 30.18 -22.48 4.39
C ILE B 363 31.52 -22.57 5.08
N MET B 364 31.93 -21.47 5.70
CA MET B 364 33.21 -21.41 6.42
C MET B 364 32.99 -20.80 7.79
N ASP B 365 33.53 -21.43 8.83
CA ASP B 365 33.39 -20.89 10.18
C ASP B 365 34.20 -19.60 10.24
N HIS B 366 33.93 -18.75 11.24
CA HIS B 366 34.61 -17.48 11.37
C HIS B 366 36.11 -17.53 11.65
N HIS B 367 36.53 -18.53 12.42
CA HIS B 367 37.95 -18.67 12.75
C HIS B 367 38.77 -18.87 11.50
N THR B 368 38.46 -19.95 10.78
CA THR B 368 39.14 -20.30 9.54
C THR B 368 39.15 -19.08 8.60
N ALA B 369 38.05 -18.34 8.59
CA ALA B 369 37.89 -17.16 7.76
C ALA B 369 38.86 -16.07 8.16
N SER B 370 39.05 -15.91 9.48
CA SER B 370 39.97 -14.90 9.97
C SER B 370 41.38 -15.26 9.55
N GLU B 371 41.80 -16.48 9.86
CA GLU B 371 43.13 -16.94 9.48
C GLU B 371 43.33 -16.83 7.97
N SER B 372 42.21 -16.84 7.24
CA SER B 372 42.21 -16.73 5.79
C SER B 372 42.44 -15.27 5.39
N PHE B 373 41.73 -14.34 6.02
CA PHE B 373 41.92 -12.94 5.68
C PHE B 373 43.35 -12.52 5.97
N MET B 374 43.86 -12.95 7.11
CA MET B 374 45.22 -12.63 7.54
C MET B 374 46.23 -13.04 6.50
N LYS B 375 46.09 -14.28 5.99
CA LYS B 375 47.00 -14.78 4.98
C LYS B 375 46.91 -13.88 3.74
N HIS B 376 45.69 -13.51 3.39
CA HIS B 376 45.47 -12.65 2.25
C HIS B 376 46.12 -11.29 2.44
N MET B 377 45.90 -10.70 3.61
CA MET B 377 46.44 -9.39 3.91
C MET B 377 47.96 -9.36 3.75
N GLN B 378 48.62 -10.39 4.26
CA GLN B 378 50.06 -10.48 4.14
C GLN B 378 50.48 -10.59 2.68
N ASN B 379 49.64 -11.20 1.85
CA ASN B 379 49.92 -11.33 0.42
C ASN B 379 49.78 -9.94 -0.21
N GLU B 380 48.80 -9.19 0.26
CA GLU B 380 48.54 -7.84 -0.24
C GLU B 380 49.63 -6.83 0.08
N TYR B 381 50.17 -6.89 1.30
CA TYR B 381 51.24 -5.97 1.67
C TYR B 381 52.53 -6.30 0.91
N ARG B 382 52.61 -7.53 0.40
CA ARG B 382 53.76 -7.96 -0.37
C ARG B 382 53.61 -7.52 -1.82
N ALA B 383 52.45 -7.80 -2.42
CA ALA B 383 52.19 -7.45 -3.81
C ALA B 383 51.93 -5.97 -4.05
N ARG B 384 50.96 -5.39 -3.33
CA ARG B 384 50.58 -3.99 -3.47
C ARG B 384 51.09 -3.07 -2.37
N GLY B 385 51.62 -3.64 -1.30
CA GLY B 385 52.10 -2.81 -0.22
C GLY B 385 50.96 -2.10 0.50
N GLY B 386 49.88 -2.85 0.76
CA GLY B 386 48.73 -2.28 1.43
C GLY B 386 47.47 -3.07 1.20
N CYS B 387 46.54 -2.97 2.16
CA CYS B 387 45.26 -3.67 2.06
C CYS B 387 44.21 -2.87 2.83
N PRO B 388 43.30 -2.20 2.11
CA PRO B 388 42.26 -1.41 2.78
C PRO B 388 41.37 -2.30 3.65
N ALA B 389 41.35 -2.03 4.95
CA ALA B 389 40.55 -2.85 5.86
C ALA B 389 39.80 -2.07 6.94
N ASP B 390 38.53 -2.43 7.13
CA ASP B 390 37.66 -1.81 8.14
C ASP B 390 37.52 -2.77 9.34
N TRP B 391 38.42 -2.60 10.30
CA TRP B 391 38.45 -3.43 11.50
C TRP B 391 37.05 -3.77 12.02
N ILE B 392 36.22 -2.75 12.18
CA ILE B 392 34.87 -2.93 12.70
C ILE B 392 34.01 -3.98 11.98
N TRP B 393 34.28 -4.19 10.70
CA TRP B 393 33.53 -5.19 9.93
C TRP B 393 34.25 -6.53 9.85
N LEU B 394 35.58 -6.47 9.88
CA LEU B 394 36.38 -7.67 9.76
C LEU B 394 36.45 -8.54 11.00
N VAL B 395 36.09 -8.00 12.15
CA VAL B 395 36.13 -8.78 13.39
C VAL B 395 34.76 -9.42 13.57
N PRO B 396 34.71 -10.76 13.58
CA PRO B 396 33.47 -11.52 13.75
C PRO B 396 32.62 -11.04 14.91
N PRO B 397 31.29 -11.18 14.82
CA PRO B 397 30.36 -10.75 15.87
C PRO B 397 30.41 -11.59 17.17
N VAL B 398 31.28 -12.59 17.21
CA VAL B 398 31.47 -13.42 18.40
C VAL B 398 32.94 -13.80 18.43
N SER B 399 33.44 -14.10 19.62
CA SER B 399 34.84 -14.50 19.83
C SER B 399 35.85 -13.55 19.20
N GLY B 400 35.55 -12.26 19.31
CA GLY B 400 36.39 -11.21 18.75
C GLY B 400 37.89 -11.40 18.87
N SER B 401 38.41 -11.18 20.08
CA SER B 401 39.85 -11.30 20.37
C SER B 401 40.41 -12.71 20.22
N ILE B 402 39.53 -13.70 20.04
CA ILE B 402 40.00 -15.06 19.84
C ILE B 402 40.42 -15.18 18.38
N THR B 403 39.97 -14.24 17.53
CA THR B 403 40.34 -14.26 16.12
C THR B 403 41.60 -13.39 15.92
N PRO B 404 42.49 -13.78 14.97
CA PRO B 404 43.71 -13.02 14.72
C PRO B 404 43.52 -11.59 14.24
N VAL B 405 42.52 -11.37 13.38
CA VAL B 405 42.25 -10.04 12.85
C VAL B 405 41.96 -9.00 13.93
N PHE B 406 41.44 -9.45 15.06
CA PHE B 406 41.16 -8.52 16.16
C PHE B 406 42.40 -7.77 16.59
N HIS B 407 43.52 -8.49 16.59
CA HIS B 407 44.82 -7.96 17.01
C HIS B 407 45.64 -7.25 15.94
N GLN B 408 45.13 -7.19 14.72
CA GLN B 408 45.84 -6.53 13.64
C GLN B 408 45.39 -5.09 13.44
N GLU B 409 46.34 -4.16 13.46
CA GLU B 409 46.02 -2.77 13.23
C GLU B 409 45.72 -2.66 11.73
N MET B 410 44.70 -1.86 11.40
CA MET B 410 44.25 -1.71 10.03
C MET B 410 43.99 -0.28 9.59
N LEU B 411 44.18 -0.05 8.30
CA LEU B 411 43.97 1.24 7.68
C LEU B 411 42.81 1.10 6.69
N ASN B 412 41.75 1.87 6.91
CA ASN B 412 40.56 1.81 6.07
C ASN B 412 40.47 3.00 5.13
N TYR B 413 40.86 2.82 3.89
CA TYR B 413 40.79 3.89 2.90
C TYR B 413 40.04 3.41 1.65
N VAL B 414 39.47 4.35 0.89
CA VAL B 414 38.73 3.99 -0.32
C VAL B 414 39.55 4.07 -1.62
N LEU B 415 39.70 2.95 -2.31
CA LEU B 415 40.45 2.92 -3.57
C LEU B 415 39.50 2.90 -4.76
N SER B 416 40.01 2.40 -5.88
CA SER B 416 39.20 2.34 -7.08
C SER B 416 39.79 1.31 -8.02
N PRO B 417 38.94 0.49 -8.68
CA PRO B 417 37.47 0.45 -8.63
C PRO B 417 36.93 0.12 -7.24
N PHE B 418 35.64 0.36 -7.03
CA PHE B 418 35.09 0.16 -5.70
C PHE B 418 33.59 -0.15 -5.68
N TYR B 419 33.12 -0.83 -4.63
CA TYR B 419 31.70 -1.16 -4.46
C TYR B 419 31.12 -0.16 -3.46
N TYR B 420 30.34 0.80 -3.93
CA TYR B 420 29.72 1.80 -3.05
C TYR B 420 28.29 1.46 -2.73
N TYR B 421 27.77 2.10 -1.70
CA TYR B 421 26.37 1.92 -1.32
C TYR B 421 25.60 2.90 -2.19
N GLN B 422 24.29 2.79 -2.21
CA GLN B 422 23.49 3.71 -2.98
C GLN B 422 22.35 4.18 -2.10
N ILE B 423 21.60 5.16 -2.58
CA ILE B 423 20.45 5.67 -1.84
C ILE B 423 19.31 4.72 -2.18
N GLU B 424 18.50 4.36 -1.19
CA GLU B 424 17.38 3.46 -1.47
C GLU B 424 16.54 4.07 -2.59
N PRO B 425 16.48 3.39 -3.75
CA PRO B 425 15.74 3.82 -4.93
C PRO B 425 14.32 4.37 -4.72
N TRP B 426 13.50 3.67 -3.94
CA TRP B 426 12.13 4.12 -3.70
C TRP B 426 12.01 5.52 -3.10
N LYS B 427 13.13 6.07 -2.61
CA LYS B 427 13.12 7.41 -2.04
C LYS B 427 13.34 8.46 -3.12
N THR B 428 14.25 8.17 -4.06
CA THR B 428 14.52 9.09 -5.16
C THR B 428 14.26 8.42 -6.50
N HIS B 429 12.99 8.32 -6.86
CA HIS B 429 12.60 7.70 -8.12
C HIS B 429 11.46 8.46 -8.77
N ILE B 430 11.70 8.89 -10.00
CA ILE B 430 10.73 9.60 -10.81
C ILE B 430 9.60 8.66 -11.27
N TRP B 431 8.73 8.26 -10.34
CA TRP B 431 7.62 7.35 -10.64
C TRP B 431 6.75 7.81 -11.80
N GLN B 432 6.79 7.07 -12.91
CA GLN B 432 6.01 7.41 -14.11
C GLN B 432 4.50 7.40 -13.88
N ASN B 433 3.73 7.54 -14.96
CA ASN B 433 2.27 7.57 -14.90
C ASN B 433 1.70 6.28 -14.28
#